data_9GP0
#
_entry.id   9GP0
#
_cell.length_a   83.419
_cell.length_b   83.419
_cell.length_c   298.892
_cell.angle_alpha   90.00
_cell.angle_beta   90.00
_cell.angle_gamma   120.00
#
_symmetry.space_group_name_H-M   'P 65'
#
loop_
_entity.id
_entity.type
_entity.pdbx_description
1 polymer '4-allyl syringol oxidase from Streptomyces cavernae'
2 non-polymer 'FLAVIN-ADENINE DINUCLEOTIDE'
3 non-polymer 4-hydroxy-3-methoxybenzaldehyde
4 water water
#
_entity_poly.entity_id   1
_entity_poly.type   'polypeptide(L)'
_entity_poly.pdbx_seq_one_letter_code
;MTRTLPPGVSDEDFTSALTAFRDVVGDEFVRTDEAELARFHDPYPVGDADAHLASAVISPRDTEQVQEVVRIANRYGIPL
SVISTGRNNGYGGSAPRLSGAVVVNTGERMNRILEVDEKLGYALLEPGVTYFDLHEYLEAHAPSLMIDCPDLGWGSVVGN
ALDRGAGYTPYGDHFMWQTGMEVVLPQGDVMRTGMGALPGSTTWQLIPYGFGPYPDGMFTQSNLGIVTKMGIALMQKPPA
SMTYQITFENESDLEQIVDIMLPLRINMAPLQNVPVLRNIILDAAVVSQRADWYDGDGPLPPEAIERMKKELGLGYWNFY
GTLYGPPQLIEMNYGIIKDAFGQIPGSRFQTHEERHDRGAHVLQDRHKINNGIPSLSEMKLMDWIPGAGHVGFSPISPPV
GRDAMKQFRMVRSRADEYAKDYAAQFVVGLREMHHIALLLFDTQDATARNETLALTRLLIDEAAAEGYGEYRTHNALMDQ
VMGTYNWGDGALLKFHEAIKDALDPNGIIAPGKSGVWPARYRGKGLAAALKLRVDPAANKARKEAELAAATAEQ
;
_entity_poly.pdbx_strand_id   A,B
#
# COMPACT_ATOMS: atom_id res chain seq x y z
N ARG A 3 12.32 -39.36 16.44
CA ARG A 3 13.06 -38.16 15.89
C ARG A 3 12.25 -37.52 14.75
N THR A 4 11.83 -36.26 14.90
CA THR A 4 10.95 -35.57 13.92
C THR A 4 11.70 -35.41 12.57
N LEU A 5 11.16 -35.96 11.48
CA LEU A 5 11.71 -35.80 10.10
C LEU A 5 10.75 -34.91 9.34
N PRO A 6 11.26 -34.02 8.47
CA PRO A 6 10.39 -33.26 7.57
C PRO A 6 9.61 -34.23 6.69
N PRO A 7 8.33 -33.92 6.37
CA PRO A 7 7.59 -34.69 5.39
C PRO A 7 8.29 -34.71 4.01
N GLY A 8 8.41 -35.90 3.42
CA GLY A 8 8.99 -36.09 2.08
C GLY A 8 10.52 -36.07 2.11
N VAL A 9 11.16 -36.12 3.28
CA VAL A 9 12.65 -36.15 3.35
C VAL A 9 13.06 -37.40 4.13
N SER A 10 13.93 -38.21 3.52
CA SER A 10 14.53 -39.44 4.12
C SER A 10 15.40 -39.05 5.32
N ASP A 11 15.56 -39.96 6.27
CA ASP A 11 16.51 -39.81 7.42
C ASP A 11 17.89 -39.38 6.89
N GLU A 12 18.33 -39.98 5.78
CA GLU A 12 19.69 -39.78 5.17
C GLU A 12 19.80 -38.35 4.63
N ASP A 13 18.80 -37.90 3.86
CA ASP A 13 18.77 -36.53 3.30
C ASP A 13 18.69 -35.50 4.44
N PHE A 14 17.98 -35.80 5.53
CA PHE A 14 17.88 -34.87 6.67
C PHE A 14 19.25 -34.78 7.38
N THR A 15 19.95 -35.91 7.51
CA THR A 15 21.29 -35.95 8.14
C THR A 15 22.23 -35.09 7.32
N SER A 16 22.21 -35.24 6.00
CA SER A 16 23.07 -34.52 5.04
C SER A 16 22.77 -33.01 5.13
N ALA A 17 21.50 -32.64 5.16
CA ALA A 17 21.06 -31.23 5.20
C ALA A 17 21.51 -30.59 6.50
N LEU A 18 21.36 -31.27 7.64
CA LEU A 18 21.76 -30.70 8.95
C LEU A 18 23.26 -30.43 8.91
N THR A 19 24.03 -31.34 8.33
CA THR A 19 25.50 -31.18 8.23
C THR A 19 25.78 -29.93 7.39
N ALA A 20 25.13 -29.80 6.22
CA ALA A 20 25.33 -28.66 5.31
C ALA A 20 24.93 -27.36 6.02
N PHE A 21 23.84 -27.37 6.79
CA PHE A 21 23.37 -26.18 7.55
C PHE A 21 24.45 -25.80 8.58
N ARG A 22 24.94 -26.78 9.34
CA ARG A 22 26.03 -26.53 10.34
C ARG A 22 27.26 -25.96 9.62
N ASP A 23 27.57 -26.46 8.43
CA ASP A 23 28.75 -26.04 7.64
C ASP A 23 28.65 -24.55 7.30
N VAL A 24 27.43 -24.00 7.24
CA VAL A 24 27.20 -22.57 6.92
C VAL A 24 27.11 -21.77 8.22
N VAL A 25 26.19 -22.09 9.15
CA VAL A 25 25.80 -21.18 10.26
C VAL A 25 26.61 -21.47 11.52
N GLY A 26 27.20 -22.66 11.62
CA GLY A 26 27.88 -23.06 12.86
C GLY A 26 27.04 -24.05 13.64
N ASP A 27 27.71 -25.03 14.25
CA ASP A 27 27.09 -26.07 15.08
C ASP A 27 26.10 -25.45 16.10
N GLU A 28 26.49 -24.35 16.74
CA GLU A 28 25.72 -23.69 17.81
C GLU A 28 24.32 -23.26 17.30
N PHE A 29 24.21 -23.01 16.00
CA PHE A 29 23.03 -22.34 15.38
C PHE A 29 22.23 -23.35 14.55
N VAL A 30 22.48 -24.64 14.77
CA VAL A 30 21.58 -25.72 14.28
C VAL A 30 21.13 -26.52 15.51
N ARG A 31 19.87 -26.32 15.86
CA ARG A 31 19.33 -26.93 17.06
C ARG A 31 18.37 -28.03 16.78
N THR A 32 18.63 -29.18 17.39
CA THR A 32 17.82 -30.37 17.15
C THR A 32 17.42 -31.10 18.40
N ASP A 33 17.88 -30.64 19.55
CA ASP A 33 17.53 -31.28 20.79
C ASP A 33 16.07 -31.07 21.15
N GLU A 34 15.46 -32.08 21.70
CA GLU A 34 14.04 -31.99 22.00
C GLU A 34 13.76 -30.83 22.92
N ALA A 35 14.65 -30.59 23.84
CA ALA A 35 14.51 -29.45 24.79
C ALA A 35 14.57 -28.10 24.06
N GLU A 36 15.41 -27.95 23.03
CA GLU A 36 15.52 -26.68 22.27
C GLU A 36 14.31 -26.57 21.33
N LEU A 37 13.87 -27.68 20.73
CA LEU A 37 12.70 -27.70 19.80
C LEU A 37 11.42 -27.34 20.57
N ALA A 38 11.28 -27.81 21.82
CA ALA A 38 10.10 -27.57 22.70
C ALA A 38 9.90 -26.06 22.88
N ARG A 39 10.97 -25.29 22.75
CA ARG A 39 10.93 -23.83 22.93
C ARG A 39 10.17 -23.18 21.77
N PHE A 40 9.99 -23.87 20.64
CA PHE A 40 9.35 -23.34 19.40
C PHE A 40 7.96 -23.92 19.22
N HIS A 41 7.50 -24.66 20.25
CA HIS A 41 6.12 -25.19 20.34
C HIS A 41 5.18 -23.99 20.36
N ASP A 42 4.06 -24.10 19.67
CA ASP A 42 2.95 -23.14 19.84
C ASP A 42 2.58 -23.16 21.32
N PRO A 43 2.62 -22.01 22.04
CA PRO A 43 2.21 -21.99 23.44
C PRO A 43 0.69 -22.17 23.61
N TYR A 44 -0.09 -21.91 22.55
CA TYR A 44 -1.57 -21.89 22.62
C TYR A 44 -2.10 -22.81 21.54
N PRO A 45 -1.73 -24.12 21.56
CA PRO A 45 -2.15 -25.07 20.55
C PRO A 45 -3.67 -25.28 20.58
N VAL A 46 -4.27 -25.46 19.42
CA VAL A 46 -5.76 -25.45 19.29
C VAL A 46 -6.28 -26.86 18.99
N GLY A 47 -5.61 -27.66 18.17
CA GLY A 47 -6.04 -29.05 17.96
C GLY A 47 -5.26 -29.97 18.87
N ASP A 48 -4.67 -31.03 18.31
CA ASP A 48 -3.58 -31.78 18.97
C ASP A 48 -2.46 -30.77 19.31
N ALA A 49 -1.92 -30.81 20.51
CA ALA A 49 -0.73 -30.00 20.88
C ALA A 49 0.48 -30.45 20.04
N ASP A 50 0.50 -31.71 19.60
CA ASP A 50 1.59 -32.37 18.82
C ASP A 50 1.54 -32.03 17.31
N ALA A 51 0.56 -31.28 16.83
CA ALA A 51 0.57 -30.75 15.46
C ALA A 51 1.60 -29.60 15.45
N HIS A 52 2.12 -29.25 14.30
CA HIS A 52 3.04 -28.08 14.13
C HIS A 52 4.31 -28.24 14.97
N LEU A 53 5.08 -29.31 14.72
CA LEU A 53 6.40 -29.53 15.37
C LEU A 53 7.49 -29.06 14.41
N ALA A 54 8.60 -28.62 14.96
CA ALA A 54 9.82 -28.28 14.21
C ALA A 54 10.76 -29.50 14.26
N SER A 55 11.40 -29.82 13.13
CA SER A 55 12.43 -30.89 13.06
C SER A 55 13.79 -30.30 13.44
N ALA A 56 13.96 -28.99 13.29
CA ALA A 56 15.23 -28.30 13.62
C ALA A 56 14.99 -26.80 13.58
N VAL A 57 15.89 -26.04 14.20
CA VAL A 57 15.89 -24.54 14.11
C VAL A 57 17.29 -24.12 13.65
N ILE A 58 17.34 -23.30 12.60
CA ILE A 58 18.60 -22.81 11.97
C ILE A 58 18.63 -21.31 12.15
N SER A 59 19.75 -20.76 12.62
CA SER A 59 19.89 -19.30 12.88
C SER A 59 20.99 -18.74 12.00
N PRO A 60 20.65 -18.26 10.79
CA PRO A 60 21.62 -17.70 9.86
C PRO A 60 22.16 -16.36 10.37
N ARG A 61 23.43 -16.08 10.11
CA ARG A 61 24.12 -14.87 10.62
C ARG A 61 23.63 -13.62 9.88
N ASP A 62 23.38 -13.77 8.59
CA ASP A 62 23.25 -12.61 7.65
C ASP A 62 22.61 -13.10 6.37
N THR A 63 22.29 -12.18 5.48
CA THR A 63 21.66 -12.43 4.16
C THR A 63 22.35 -13.58 3.42
N GLU A 64 23.69 -13.54 3.37
CA GLU A 64 24.47 -14.53 2.61
C GLU A 64 24.18 -15.92 3.17
N GLN A 65 24.13 -16.06 4.48
CA GLN A 65 23.85 -17.37 5.13
C GLN A 65 22.40 -17.78 4.86
N VAL A 66 21.48 -16.83 4.78
CA VAL A 66 20.05 -17.15 4.47
C VAL A 66 20.02 -17.77 3.08
N GLN A 67 20.67 -17.13 2.11
CA GLN A 67 20.76 -17.65 0.74
C GLN A 67 21.34 -19.07 0.76
N GLU A 68 22.41 -19.31 1.50
CA GLU A 68 23.08 -20.63 1.45
C GLU A 68 22.18 -21.67 2.15
N VAL A 69 21.49 -21.34 3.24
CA VAL A 69 20.56 -22.33 3.88
C VAL A 69 19.42 -22.59 2.91
N VAL A 70 18.95 -21.59 2.18
CA VAL A 70 17.86 -21.81 1.19
C VAL A 70 18.36 -22.72 0.06
N ARG A 71 19.56 -22.53 -0.46
CA ARG A 71 20.16 -23.42 -1.49
C ARG A 71 20.28 -24.86 -0.96
N ILE A 72 20.70 -25.04 0.29
CA ILE A 72 20.86 -26.39 0.91
C ILE A 72 19.47 -27.03 0.98
N ALA A 73 18.48 -26.27 1.44
CA ALA A 73 17.07 -26.74 1.52
C ALA A 73 16.61 -27.20 0.15
N ASN A 74 16.96 -26.47 -0.91
CA ASN A 74 16.57 -26.84 -2.30
C ASN A 74 17.23 -28.16 -2.68
N ARG A 75 18.48 -28.36 -2.29
CA ARG A 75 19.21 -29.58 -2.68
C ARG A 75 18.50 -30.79 -2.06
N TYR A 76 18.08 -30.71 -0.80
CA TYR A 76 17.63 -31.89 -0.01
C TYR A 76 16.11 -31.95 0.17
N GLY A 77 15.38 -31.01 -0.44
CA GLY A 77 13.93 -30.87 -0.32
C GLY A 77 13.49 -30.62 1.10
N ILE A 78 14.25 -29.83 1.85
CA ILE A 78 13.93 -29.50 3.26
C ILE A 78 12.92 -28.35 3.25
N PRO A 79 11.70 -28.56 3.83
CA PRO A 79 10.75 -27.45 3.97
C PRO A 79 11.25 -26.52 5.07
N LEU A 80 11.24 -25.21 4.81
CA LEU A 80 11.68 -24.26 5.85
C LEU A 80 10.63 -23.19 6.15
N SER A 81 10.26 -23.16 7.40
CA SER A 81 9.35 -22.14 7.95
C SER A 81 10.21 -20.97 8.41
N VAL A 82 9.60 -19.85 8.76
CA VAL A 82 10.35 -18.60 8.99
C VAL A 82 9.75 -17.87 10.19
N ILE A 83 10.62 -17.41 11.08
CA ILE A 83 10.26 -16.46 12.15
C ILE A 83 11.26 -15.30 12.10
N SER A 84 10.83 -14.17 12.62
CA SER A 84 11.68 -13.05 13.08
C SER A 84 11.94 -13.27 14.57
N THR A 85 10.98 -12.94 15.43
CA THR A 85 11.05 -13.23 16.90
C THR A 85 10.19 -14.46 17.22
N GLY A 86 9.26 -14.84 16.35
CA GLY A 86 8.41 -16.03 16.54
C GLY A 86 7.45 -15.89 17.72
N ARG A 87 6.98 -14.69 18.00
CA ARG A 87 6.03 -14.45 19.11
C ARG A 87 4.62 -14.31 18.53
N ASN A 88 4.29 -15.04 17.45
CA ASN A 88 2.99 -14.92 16.73
C ASN A 88 1.91 -15.68 17.50
N ASN A 89 1.79 -15.39 18.78
CA ASN A 89 0.90 -16.08 19.74
C ASN A 89 -0.54 -15.73 19.38
N GLY A 90 -1.39 -16.73 19.31
CA GLY A 90 -2.75 -16.64 18.79
C GLY A 90 -2.82 -17.17 17.38
N TYR A 91 -1.66 -17.25 16.69
CA TYR A 91 -1.58 -17.70 15.28
C TYR A 91 -0.60 -18.87 15.09
N GLY A 92 0.00 -19.37 16.16
CA GLY A 92 0.88 -20.52 16.08
C GLY A 92 2.22 -20.34 16.74
N GLY A 93 2.47 -19.17 17.30
CA GLY A 93 3.78 -18.88 17.85
C GLY A 93 4.87 -19.03 16.79
N SER A 94 5.94 -19.72 17.15
CA SER A 94 7.03 -19.95 16.21
C SER A 94 6.85 -21.30 15.50
N ALA A 95 5.69 -21.92 15.69
CA ALA A 95 5.46 -23.21 15.11
C ALA A 95 5.21 -23.21 13.57
N PRO A 96 5.79 -24.19 12.81
CA PRO A 96 5.53 -24.19 11.37
C PRO A 96 4.13 -24.69 11.04
N ARG A 97 3.51 -24.13 9.98
CA ARG A 97 2.25 -24.71 9.44
C ARG A 97 2.51 -26.18 9.07
N LEU A 98 3.61 -26.47 8.34
CA LEU A 98 3.91 -27.86 7.92
C LEU A 98 4.67 -28.54 9.05
N SER A 99 4.02 -29.44 9.77
CA SER A 99 4.65 -30.14 10.92
C SER A 99 5.92 -30.87 10.42
N GLY A 100 7.03 -30.73 11.13
CA GLY A 100 8.32 -31.30 10.73
C GLY A 100 9.18 -30.34 9.91
N ALA A 101 8.69 -29.14 9.57
CA ALA A 101 9.51 -28.17 8.82
C ALA A 101 10.70 -27.79 9.70
N VAL A 102 11.76 -27.34 9.05
CA VAL A 102 12.91 -26.69 9.73
C VAL A 102 12.61 -25.19 9.83
N VAL A 103 12.71 -24.65 11.04
CA VAL A 103 12.46 -23.23 11.34
C VAL A 103 13.72 -22.46 11.00
N VAL A 104 13.61 -21.47 10.13
CA VAL A 104 14.68 -20.45 9.94
C VAL A 104 14.41 -19.32 10.94
N ASN A 105 15.23 -19.25 11.97
CA ASN A 105 15.20 -18.20 13.02
C ASN A 105 16.02 -17.01 12.50
N THR A 106 15.38 -16.08 11.80
CA THR A 106 16.09 -14.89 11.27
C THR A 106 16.47 -13.93 12.41
N GLY A 107 15.72 -13.89 13.51
CA GLY A 107 15.86 -12.83 14.51
C GLY A 107 17.02 -13.03 15.46
N GLU A 108 17.45 -14.27 15.66
CA GLU A 108 18.44 -14.57 16.72
C GLU A 108 19.72 -13.78 16.43
N ARG A 109 20.21 -13.84 15.19
CA ARG A 109 21.49 -13.18 14.84
C ARG A 109 21.29 -11.93 14.01
N MET A 110 20.23 -11.89 13.18
CA MET A 110 19.99 -10.68 12.35
C MET A 110 19.09 -9.74 13.15
N ASN A 111 19.66 -9.00 14.10
CA ASN A 111 18.91 -8.24 15.12
C ASN A 111 19.38 -6.79 15.20
N ARG A 112 19.95 -6.25 14.13
CA ARG A 112 20.54 -4.90 14.12
C ARG A 112 19.51 -3.90 13.59
N ILE A 113 19.48 -2.74 14.23
CA ILE A 113 18.92 -1.48 13.67
C ILE A 113 19.99 -0.93 12.73
N LEU A 114 19.76 -1.02 11.43
CA LEU A 114 20.78 -0.75 10.41
C LEU A 114 20.90 0.77 10.20
N GLU A 115 19.78 1.48 10.30
CA GLU A 115 19.82 2.94 10.02
C GLU A 115 18.56 3.56 10.60
N VAL A 116 18.71 4.72 11.23
CA VAL A 116 17.57 5.57 11.63
C VAL A 116 17.87 6.98 11.13
N ASP A 117 16.97 7.53 10.31
CA ASP A 117 17.04 8.93 9.85
C ASP A 117 15.99 9.70 10.63
N GLU A 118 16.44 10.57 11.54
CA GLU A 118 15.52 11.32 12.40
C GLU A 118 14.73 12.34 11.59
N LYS A 119 15.38 13.08 10.68
CA LYS A 119 14.70 14.17 9.94
C LYS A 119 13.69 13.58 8.95
N LEU A 120 14.01 12.48 8.26
CA LEU A 120 13.10 11.94 7.23
C LEU A 120 12.20 10.86 7.84
N GLY A 121 12.44 10.52 9.09
CA GLY A 121 11.56 9.69 9.92
C GLY A 121 11.44 8.28 9.39
N TYR A 122 12.52 7.51 9.40
CA TYR A 122 12.45 6.06 9.07
C TYR A 122 13.52 5.29 9.80
N ALA A 123 13.39 3.96 9.73
CA ALA A 123 14.39 3.06 10.24
C ALA A 123 14.57 1.93 9.22
N LEU A 124 15.78 1.38 9.10
CA LEU A 124 16.02 0.21 8.25
C LEU A 124 16.37 -0.83 9.28
N LEU A 125 15.63 -1.91 9.24
CA LEU A 125 15.75 -2.88 10.28
C LEU A 125 15.94 -4.32 9.88
N GLU A 126 16.54 -5.06 10.78
CA GLU A 126 16.70 -6.46 10.61
C GLU A 126 15.55 -7.18 11.46
N PRO A 127 15.18 -8.46 11.17
CA PRO A 127 14.05 -9.12 11.84
C PRO A 127 14.08 -9.26 13.35
N GLY A 128 15.23 -9.35 13.91
CA GLY A 128 15.45 -9.55 15.34
C GLY A 128 15.17 -8.30 16.20
N VAL A 129 15.03 -7.12 15.59
CA VAL A 129 14.71 -5.88 16.36
C VAL A 129 13.28 -5.98 16.91
N THR A 130 13.13 -5.96 18.23
CA THR A 130 11.80 -5.97 18.89
C THR A 130 11.30 -4.54 18.97
N TYR A 131 10.03 -4.36 19.29
CA TYR A 131 9.47 -3.02 19.55
C TYR A 131 10.19 -2.39 20.73
N PHE A 132 10.52 -3.19 21.76
CA PHE A 132 11.31 -2.69 22.91
C PHE A 132 12.66 -2.16 22.39
N ASP A 133 13.35 -2.95 21.57
CA ASP A 133 14.68 -2.59 21.01
C ASP A 133 14.59 -1.24 20.29
N LEU A 134 13.62 -1.10 19.37
CA LEU A 134 13.56 0.13 18.57
C LEU A 134 13.17 1.32 19.44
N HIS A 135 12.22 1.14 20.36
CA HIS A 135 11.83 2.18 21.33
C HIS A 135 13.07 2.66 22.09
N GLU A 136 13.85 1.73 22.64
CA GLU A 136 15.08 2.05 23.41
C GLU A 136 16.03 2.86 22.50
N TYR A 137 16.26 2.43 21.27
CA TYR A 137 17.17 3.11 20.31
C TYR A 137 16.67 4.53 20.05
N LEU A 138 15.37 4.71 19.74
CA LEU A 138 14.88 6.06 19.41
C LEU A 138 15.02 6.94 20.66
N GLU A 139 14.71 6.43 21.85
CA GLU A 139 14.76 7.25 23.09
C GLU A 139 16.21 7.72 23.32
N ALA A 140 17.20 6.92 22.95
CA ALA A 140 18.64 7.22 23.17
C ALA A 140 19.22 8.06 22.02
N HIS A 141 18.81 7.82 20.76
CA HIS A 141 19.52 8.35 19.57
C HIS A 141 18.64 9.16 18.62
N ALA A 142 17.32 9.04 18.66
CA ALA A 142 16.44 9.79 17.74
C ALA A 142 15.11 10.07 18.43
N PRO A 143 15.16 10.86 19.53
CA PRO A 143 14.03 10.99 20.45
C PRO A 143 12.84 11.79 19.91
N SER A 144 12.91 12.38 18.73
CA SER A 144 11.76 13.08 18.15
C SER A 144 10.81 12.06 17.49
N LEU A 145 11.24 10.82 17.32
CA LEU A 145 10.42 9.79 16.64
C LEU A 145 9.79 8.86 17.69
N MET A 146 8.74 8.17 17.28
CA MET A 146 8.14 7.09 18.10
C MET A 146 7.79 5.93 17.17
N ILE A 147 7.76 4.74 17.77
CA ILE A 147 7.34 3.50 17.07
C ILE A 147 5.82 3.43 17.06
N ASP A 148 5.29 2.48 16.30
CA ASP A 148 3.89 2.05 16.44
C ASP A 148 3.94 0.57 16.82
N CYS A 149 3.47 0.23 18.01
CA CYS A 149 3.59 -1.15 18.57
C CYS A 149 2.22 -1.78 18.71
N PRO A 150 2.16 -3.12 18.56
CA PRO A 150 1.00 -3.90 18.96
C PRO A 150 0.92 -3.90 20.51
N ASP A 151 0.00 -4.66 21.06
CA ASP A 151 -0.17 -4.71 22.51
C ASP A 151 1.06 -5.19 23.25
N LEU A 152 1.81 -6.07 22.64
CA LEU A 152 2.96 -6.63 23.32
C LEU A 152 4.25 -6.28 22.63
N GLY A 153 5.18 -5.74 23.37
CA GLY A 153 6.38 -5.27 22.72
C GLY A 153 7.48 -6.21 22.37
N TRP A 154 7.31 -7.46 22.75
CA TRP A 154 8.33 -8.46 22.49
C TRP A 154 8.34 -8.99 21.07
N GLY A 155 7.36 -8.58 20.28
CA GLY A 155 7.33 -8.97 18.91
C GLY A 155 8.32 -8.23 18.03
N SER A 156 8.40 -8.60 16.76
CA SER A 156 9.32 -7.99 15.83
C SER A 156 8.67 -6.90 15.00
N VAL A 157 9.36 -5.79 14.87
CA VAL A 157 8.85 -4.69 13.99
C VAL A 157 8.65 -5.27 12.60
N VAL A 158 9.60 -6.08 12.12
CA VAL A 158 9.56 -6.75 10.80
C VAL A 158 8.51 -7.86 10.80
N GLY A 159 8.64 -8.84 11.69
CA GLY A 159 7.76 -10.02 11.74
C GLY A 159 6.29 -9.65 11.79
N ASN A 160 5.96 -8.68 12.63
CA ASN A 160 4.55 -8.26 12.83
C ASN A 160 4.05 -7.68 11.50
N ALA A 161 4.83 -6.81 10.87
CA ALA A 161 4.44 -6.16 9.60
C ALA A 161 4.29 -7.21 8.48
N LEU A 162 5.09 -8.29 8.49
CA LEU A 162 5.05 -9.34 7.44
C LEU A 162 3.81 -10.20 7.62
N ASP A 163 3.13 -10.14 8.78
CA ASP A 163 1.85 -10.86 8.95
C ASP A 163 0.72 -9.83 8.85
N ARG A 164 1.04 -8.62 8.40
CA ARG A 164 0.14 -7.41 8.41
C ARG A 164 -0.52 -7.23 9.79
N GLY A 165 0.30 -7.24 10.84
CA GLY A 165 -0.11 -6.84 12.18
C GLY A 165 -0.33 -5.34 12.27
N ALA A 166 -0.76 -4.87 13.43
CA ALA A 166 -1.23 -3.48 13.60
C ALA A 166 -1.01 -2.99 15.03
N GLY A 167 -0.83 -1.67 15.14
CA GLY A 167 -0.85 -0.94 16.41
C GLY A 167 -1.93 0.11 16.36
N TYR A 168 -1.75 1.16 17.15
CA TYR A 168 -2.89 2.01 17.58
C TYR A 168 -2.57 3.50 17.48
N THR A 169 -1.36 3.87 17.05
CA THR A 169 -1.03 5.26 16.69
C THR A 169 -1.59 5.52 15.30
N PRO A 170 -1.47 6.77 14.80
CA PRO A 170 -1.81 7.04 13.40
C PRO A 170 -1.00 6.19 12.42
N TYR A 171 0.12 5.62 12.85
CA TYR A 171 0.96 4.69 12.04
C TYR A 171 0.61 3.23 12.37
N GLY A 172 -0.66 2.94 12.71
CA GLY A 172 -1.09 1.62 13.18
C GLY A 172 -1.05 0.55 12.10
N ASP A 173 -1.18 0.91 10.83
CA ASP A 173 -1.16 -0.07 9.72
C ASP A 173 0.30 -0.34 9.38
N HIS A 174 0.89 -1.39 9.97
CA HIS A 174 2.37 -1.61 9.90
C HIS A 174 2.81 -1.83 8.46
N PHE A 175 2.04 -2.58 7.68
CA PHE A 175 2.42 -2.89 6.28
C PHE A 175 2.39 -1.58 5.49
N MET A 176 1.41 -0.70 5.72
CA MET A 176 1.30 0.61 5.02
C MET A 176 2.62 1.34 5.18
N TRP A 177 3.22 1.34 6.36
CA TRP A 177 4.41 2.18 6.63
C TRP A 177 5.70 1.42 6.32
N GLN A 178 5.60 0.10 6.09
CA GLN A 178 6.75 -0.68 5.57
C GLN A 178 7.20 -0.03 4.24
N THR A 179 8.49 0.27 4.11
CA THR A 179 9.03 0.96 2.93
C THR A 179 10.37 0.32 2.58
N GLY A 180 10.39 -0.48 1.52
CA GLY A 180 11.61 -1.20 1.13
C GLY A 180 11.80 -2.50 1.91
N MET A 181 12.26 -3.52 1.19
CA MET A 181 12.62 -4.85 1.69
C MET A 181 13.86 -5.35 0.97
N GLU A 182 14.62 -6.18 1.69
CA GLU A 182 15.58 -7.14 1.08
C GLU A 182 15.03 -8.53 1.38
N VAL A 183 14.90 -9.34 0.34
CA VAL A 183 14.25 -10.64 0.47
C VAL A 183 15.02 -11.71 -0.29
N VAL A 184 15.18 -12.87 0.34
CA VAL A 184 15.82 -14.05 -0.30
C VAL A 184 14.67 -14.87 -0.86
N LEU A 185 14.69 -15.06 -2.16
CA LEU A 185 13.65 -15.78 -2.91
C LEU A 185 13.85 -17.28 -2.75
N PRO A 186 12.83 -18.11 -3.04
CA PRO A 186 12.84 -19.50 -2.59
C PRO A 186 13.95 -20.43 -3.14
N GLN A 187 14.66 -20.01 -4.18
CA GLN A 187 15.85 -20.77 -4.69
C GLN A 187 17.15 -20.11 -4.23
N GLY A 188 17.09 -19.05 -3.43
CA GLY A 188 18.27 -18.42 -2.80
C GLY A 188 18.77 -17.13 -3.46
N ASP A 189 18.12 -16.61 -4.50
CA ASP A 189 18.43 -15.28 -5.10
C ASP A 189 18.02 -14.19 -4.11
N VAL A 190 18.76 -13.09 -4.03
CA VAL A 190 18.38 -11.96 -3.14
C VAL A 190 18.00 -10.79 -4.02
N MET A 191 16.98 -10.08 -3.60
CA MET A 191 16.47 -8.91 -4.31
C MET A 191 16.10 -7.81 -3.32
N ARG A 192 16.25 -6.55 -3.72
CA ARG A 192 15.74 -5.39 -2.98
C ARG A 192 14.57 -4.81 -3.73
N THR A 193 13.53 -4.46 -2.99
CA THR A 193 12.31 -3.90 -3.60
C THR A 193 12.45 -2.38 -3.71
N GLY A 194 11.57 -1.78 -4.49
CA GLY A 194 11.41 -0.32 -4.50
C GLY A 194 12.68 0.37 -4.96
N MET A 195 12.96 1.51 -4.35
CA MET A 195 14.10 2.36 -4.75
C MET A 195 15.42 1.69 -4.33
N GLY A 196 15.35 0.64 -3.49
CA GLY A 196 16.51 -0.18 -3.10
C GLY A 196 17.10 -0.96 -4.28
N ALA A 197 16.33 -1.22 -5.34
CA ALA A 197 16.81 -1.92 -6.55
C ALA A 197 17.77 -1.02 -7.34
N LEU A 198 17.79 0.28 -7.05
CA LEU A 198 18.71 1.23 -7.71
C LEU A 198 19.99 1.34 -6.89
N PRO A 199 21.13 0.79 -7.35
CA PRO A 199 22.36 0.82 -6.56
C PRO A 199 22.68 2.27 -6.16
N GLY A 200 23.01 2.48 -4.89
CA GLY A 200 23.36 3.80 -4.34
C GLY A 200 22.17 4.70 -4.06
N SER A 201 20.92 4.23 -4.23
CA SER A 201 19.75 5.11 -3.95
C SER A 201 19.78 5.57 -2.50
N THR A 202 19.25 6.76 -2.29
CA THR A 202 19.13 7.45 -0.99
C THR A 202 17.65 7.46 -0.58
N THR A 203 16.80 6.74 -1.30
CA THR A 203 15.34 6.87 -1.21
C THR A 203 14.66 5.53 -0.86
N TRP A 204 15.41 4.50 -0.49
CA TRP A 204 14.82 3.16 -0.25
C TRP A 204 13.63 3.26 0.74
N GLN A 205 13.80 4.00 1.81
CA GLN A 205 12.81 4.11 2.92
C GLN A 205 11.93 5.37 2.75
N LEU A 206 11.91 6.06 1.62
CA LEU A 206 11.01 7.24 1.62
C LEU A 206 9.87 7.17 0.61
N ILE A 207 9.83 6.16 -0.25
CA ILE A 207 8.66 5.87 -1.12
C ILE A 207 8.57 4.36 -1.26
N PRO A 208 7.39 3.74 -1.09
CA PRO A 208 7.32 2.27 -1.13
C PRO A 208 7.55 1.62 -2.51
N TYR A 209 7.28 2.29 -3.62
CA TYR A 209 6.95 1.63 -4.93
C TYR A 209 8.15 1.21 -5.80
N GLY A 210 9.00 2.14 -6.17
CA GLY A 210 9.99 1.90 -7.24
C GLY A 210 9.35 1.93 -8.62
N PHE A 211 10.01 1.30 -9.60
CA PHE A 211 9.59 1.31 -11.03
C PHE A 211 9.06 -0.08 -11.37
N GLY A 212 7.96 -0.16 -12.11
CA GLY A 212 7.34 -1.44 -12.49
C GLY A 212 6.45 -2.03 -11.39
N PRO A 213 6.08 -3.34 -11.56
CA PRO A 213 5.15 -3.89 -10.55
C PRO A 213 5.62 -3.78 -9.12
N TYR A 214 4.70 -3.45 -8.22
CA TYR A 214 5.03 -3.25 -6.82
C TYR A 214 4.86 -4.57 -6.10
N PRO A 215 5.97 -5.12 -5.60
CA PRO A 215 5.90 -6.48 -5.06
C PRO A 215 5.83 -6.79 -3.58
N ASP A 216 6.12 -5.83 -2.73
CA ASP A 216 6.31 -6.03 -1.28
C ASP A 216 5.16 -6.74 -0.59
N GLY A 217 3.94 -6.41 -0.97
CA GLY A 217 2.80 -7.07 -0.41
C GLY A 217 2.75 -8.56 -0.62
N MET A 218 3.38 -9.02 -1.69
CA MET A 218 3.42 -10.47 -2.00
C MET A 218 4.29 -11.22 -1.00
N PHE A 219 5.05 -10.51 -0.16
CA PHE A 219 5.91 -11.10 0.90
C PHE A 219 5.28 -10.94 2.29
N THR A 220 4.02 -10.53 2.37
CA THR A 220 3.24 -10.40 3.63
C THR A 220 2.16 -11.49 3.67
N GLN A 221 2.02 -12.12 4.83
CA GLN A 221 1.21 -13.36 5.02
C GLN A 221 1.57 -14.33 3.88
N SER A 222 2.87 -14.57 3.68
CA SER A 222 3.40 -15.15 2.44
C SER A 222 4.52 -16.15 2.71
N ASN A 223 4.63 -17.14 1.83
CA ASN A 223 5.78 -18.08 1.79
C ASN A 223 6.64 -17.88 0.53
N LEU A 224 6.68 -16.67 -0.04
CA LEU A 224 7.44 -16.41 -1.30
C LEU A 224 8.85 -15.94 -1.00
N GLY A 225 9.22 -15.71 0.24
CA GLY A 225 10.56 -15.17 0.49
C GLY A 225 10.91 -15.13 1.94
N ILE A 226 12.22 -15.09 2.23
CA ILE A 226 12.70 -14.81 3.60
C ILE A 226 13.21 -13.39 3.60
N VAL A 227 12.56 -12.50 4.35
CA VAL A 227 12.94 -11.08 4.47
C VAL A 227 14.14 -10.96 5.41
N THR A 228 15.17 -10.23 4.96
CA THR A 228 16.44 -10.03 5.68
C THR A 228 16.61 -8.59 6.12
N LYS A 229 15.94 -7.66 5.45
CA LYS A 229 15.96 -6.23 5.83
C LYS A 229 14.59 -5.66 5.47
N MET A 230 14.12 -4.73 6.28
CA MET A 230 12.83 -4.04 6.03
C MET A 230 12.90 -2.62 6.58
N GLY A 231 12.51 -1.66 5.76
CA GLY A 231 12.40 -0.26 6.16
C GLY A 231 11.00 -0.01 6.70
N ILE A 232 10.90 0.92 7.63
CA ILE A 232 9.57 1.35 8.12
C ILE A 232 9.65 2.85 8.38
N ALA A 233 8.64 3.58 7.96
CA ALA A 233 8.47 5.00 8.34
C ALA A 233 8.14 5.07 9.84
N LEU A 234 8.65 6.09 10.51
CA LEU A 234 8.47 6.41 11.93
C LEU A 234 7.83 7.78 12.08
N MET A 235 6.72 7.86 12.84
CA MET A 235 6.03 9.14 13.10
C MET A 235 6.84 10.01 14.06
N GLN A 236 6.81 11.32 13.83
CA GLN A 236 7.26 12.33 14.82
C GLN A 236 6.33 12.34 16.03
N LYS A 237 6.92 12.32 17.22
CA LYS A 237 6.17 12.58 18.48
C LYS A 237 5.50 13.93 18.35
N PRO A 238 4.19 14.00 18.61
CA PRO A 238 3.51 15.28 18.71
C PRO A 238 3.96 15.98 20.00
N PRO A 239 3.67 17.30 20.13
CA PRO A 239 4.11 18.07 21.28
C PRO A 239 3.46 17.64 22.60
N ALA A 240 2.26 17.07 22.53
CA ALA A 240 1.52 16.53 23.69
C ALA A 240 0.53 15.49 23.23
N SER A 241 0.02 14.70 24.18
CA SER A 241 -1.02 13.68 23.91
C SER A 241 -1.88 13.52 25.16
N MET A 242 -3.11 13.07 24.96
CA MET A 242 -4.00 12.70 26.07
C MET A 242 -4.80 11.49 25.61
N THR A 243 -4.94 10.51 26.51
CA THR A 243 -5.72 9.28 26.30
C THR A 243 -6.96 9.34 27.19
N TYR A 244 -8.11 8.97 26.64
CA TYR A 244 -9.39 8.99 27.39
C TYR A 244 -10.06 7.63 27.27
N GLN A 245 -10.88 7.34 28.28
CA GLN A 245 -11.78 6.16 28.38
C GLN A 245 -13.22 6.67 28.37
N ILE A 246 -14.05 6.10 27.49
CA ILE A 246 -15.52 6.27 27.60
C ILE A 246 -16.12 4.91 27.97
N THR A 247 -16.78 4.84 29.13
CA THR A 247 -17.56 3.65 29.58
C THR A 247 -18.99 3.83 29.08
N PHE A 248 -19.54 2.76 28.54
CA PHE A 248 -20.96 2.67 28.11
C PHE A 248 -21.61 1.52 28.88
N GLU A 249 -22.75 1.80 29.48
CA GLU A 249 -23.38 0.89 30.48
C GLU A 249 -23.92 -0.36 29.79
N ASN A 250 -24.56 -0.23 28.62
CA ASN A 250 -25.44 -1.26 28.04
C ASN A 250 -24.75 -1.99 26.90
N GLU A 251 -24.85 -3.32 26.86
CA GLU A 251 -24.33 -4.11 25.73
C GLU A 251 -24.97 -3.58 24.44
N SER A 252 -26.22 -3.13 24.48
CA SER A 252 -26.94 -2.63 23.27
C SER A 252 -26.43 -1.24 22.83
N ASP A 253 -25.58 -0.56 23.61
CA ASP A 253 -24.98 0.73 23.19
C ASP A 253 -24.04 0.56 21.97
N LEU A 254 -23.57 -0.66 21.71
CA LEU A 254 -22.58 -0.95 20.62
C LEU A 254 -23.04 -0.33 19.28
N GLU A 255 -24.30 -0.52 18.91
CA GLU A 255 -24.86 -0.03 17.64
C GLU A 255 -24.61 1.48 17.52
N GLN A 256 -24.97 2.26 18.55
CA GLN A 256 -24.88 3.73 18.47
C GLN A 256 -23.41 4.17 18.55
N ILE A 257 -22.59 3.45 19.31
CA ILE A 257 -21.15 3.76 19.50
C ILE A 257 -20.48 3.68 18.14
N VAL A 258 -20.76 2.62 17.39
CA VAL A 258 -20.09 2.39 16.09
C VAL A 258 -20.57 3.46 15.12
N ASP A 259 -21.86 3.82 15.16
CA ASP A 259 -22.39 4.80 14.17
C ASP A 259 -21.89 6.21 14.48
N ILE A 260 -21.56 6.51 15.72
CA ILE A 260 -20.96 7.83 16.10
C ILE A 260 -19.45 7.78 15.77
N MET A 261 -18.81 6.63 15.99
CA MET A 261 -17.35 6.45 15.81
C MET A 261 -16.97 6.72 14.35
N LEU A 262 -17.68 6.12 13.39
CA LEU A 262 -17.23 6.10 11.99
C LEU A 262 -17.01 7.53 11.47
N PRO A 263 -18.02 8.44 11.53
CA PRO A 263 -17.87 9.79 10.98
C PRO A 263 -16.73 10.56 11.66
N LEU A 264 -16.40 10.18 12.90
CA LEU A 264 -15.37 10.87 13.69
C LEU A 264 -13.98 10.30 13.38
N ARG A 265 -13.89 9.14 12.74
CA ARG A 265 -12.58 8.46 12.47
C ARG A 265 -12.22 8.57 10.98
N ILE A 266 -13.20 8.59 10.08
CA ILE A 266 -12.96 8.36 8.63
C ILE A 266 -12.05 9.46 8.06
N ASN A 267 -12.05 10.66 8.66
CA ASN A 267 -11.18 11.80 8.23
C ASN A 267 -9.92 11.81 9.11
N MET A 268 -9.70 10.79 9.94
CA MET A 268 -8.56 10.68 10.91
C MET A 268 -8.57 11.81 11.96
N ALA A 269 -9.73 12.41 12.20
CA ALA A 269 -9.92 13.45 13.23
C ALA A 269 -11.40 13.68 13.36
N PRO A 270 -11.93 13.98 14.57
CA PRO A 270 -11.13 14.05 15.79
C PRO A 270 -10.59 12.75 16.38
N LEU A 271 -11.06 11.58 15.93
CA LEU A 271 -10.47 10.29 16.39
C LEU A 271 -9.15 10.05 15.65
N GLN A 272 -8.05 10.55 16.22
CA GLN A 272 -6.74 10.71 15.55
C GLN A 272 -5.94 9.41 15.59
N ASN A 273 -6.09 8.62 16.63
CA ASN A 273 -5.41 7.29 16.70
C ASN A 273 -6.42 6.23 16.26
N VAL A 274 -6.04 4.96 16.38
CA VAL A 274 -6.96 3.84 16.07
C VAL A 274 -7.87 3.67 17.28
N PRO A 275 -9.19 3.89 17.17
CA PRO A 275 -10.09 3.73 18.32
C PRO A 275 -10.37 2.24 18.58
N VAL A 276 -10.39 1.87 19.86
CA VAL A 276 -10.70 0.49 20.29
C VAL A 276 -11.89 0.53 21.26
N LEU A 277 -12.79 -0.42 21.08
CA LEU A 277 -13.98 -0.56 21.95
C LEU A 277 -13.94 -1.96 22.53
N ARG A 278 -13.55 -2.05 23.81
CA ARG A 278 -13.28 -3.32 24.50
C ARG A 278 -14.46 -3.66 25.41
N ASN A 279 -14.92 -4.91 25.38
CA ASN A 279 -16.04 -5.33 26.24
C ASN A 279 -15.52 -5.49 27.66
N ILE A 280 -16.44 -5.57 28.63
CA ILE A 280 -16.12 -5.67 30.10
C ILE A 280 -15.12 -6.81 30.31
N ILE A 281 -15.29 -7.93 29.63
CA ILE A 281 -14.45 -9.12 29.94
C ILE A 281 -12.99 -8.89 29.52
N LEU A 282 -12.71 -8.30 28.35
CA LEU A 282 -11.26 -8.15 28.04
C LEU A 282 -10.67 -6.95 28.81
N ASP A 283 -11.48 -6.01 29.31
CA ASP A 283 -10.98 -5.02 30.30
C ASP A 283 -10.81 -5.66 31.70
N ALA A 284 -11.76 -6.47 32.17
CA ALA A 284 -11.71 -7.03 33.56
C ALA A 284 -10.57 -8.04 33.69
N ALA A 285 -10.28 -8.79 32.61
CA ALA A 285 -9.34 -9.92 32.57
C ALA A 285 -7.89 -9.44 32.68
N VAL A 286 -7.62 -8.16 32.43
CA VAL A 286 -6.27 -7.56 32.62
C VAL A 286 -5.98 -7.39 34.12
N VAL A 287 -7.00 -7.17 34.96
CA VAL A 287 -6.81 -6.74 36.38
C VAL A 287 -7.45 -7.73 37.35
N SER A 288 -7.99 -8.84 36.88
CA SER A 288 -8.73 -9.81 37.72
C SER A 288 -8.71 -11.19 37.04
N GLN A 289 -9.15 -12.20 37.78
CA GLN A 289 -9.30 -13.60 37.32
C GLN A 289 -10.77 -13.97 37.28
N ARG A 290 -11.15 -14.92 36.43
CA ARG A 290 -12.56 -15.32 36.22
C ARG A 290 -13.17 -15.77 37.56
N ALA A 291 -12.39 -16.53 38.34
CA ALA A 291 -12.74 -17.09 39.66
C ALA A 291 -13.14 -15.97 40.64
N ASP A 292 -12.66 -14.74 40.44
CA ASP A 292 -12.98 -13.57 41.31
C ASP A 292 -14.46 -13.18 41.18
N TRP A 293 -15.12 -13.54 40.08
CA TRP A 293 -16.48 -13.03 39.75
C TRP A 293 -17.50 -14.16 39.76
N TYR A 294 -17.05 -15.40 39.64
CA TYR A 294 -17.90 -16.58 39.33
C TYR A 294 -17.03 -17.84 39.44
N ASP A 295 -17.57 -18.83 40.14
CA ASP A 295 -16.89 -20.11 40.45
C ASP A 295 -17.83 -21.28 40.12
N GLY A 296 -19.02 -20.98 39.56
CA GLY A 296 -19.97 -21.98 39.04
C GLY A 296 -19.55 -22.46 37.67
N ASP A 297 -20.24 -23.44 37.08
CA ASP A 297 -19.93 -23.94 35.72
C ASP A 297 -20.85 -23.21 34.72
N GLY A 298 -20.63 -23.39 33.42
CA GLY A 298 -21.36 -22.69 32.34
C GLY A 298 -20.83 -21.27 32.12
N PRO A 299 -21.40 -20.52 31.15
CA PRO A 299 -21.00 -19.14 30.92
C PRO A 299 -21.15 -18.24 32.15
N LEU A 300 -20.43 -17.12 32.16
CA LEU A 300 -20.61 -16.08 33.19
C LEU A 300 -22.05 -15.59 33.11
N PRO A 301 -22.79 -15.62 34.24
CA PRO A 301 -24.16 -15.11 34.26
C PRO A 301 -24.14 -13.58 34.21
N PRO A 302 -25.24 -12.94 33.77
CA PRO A 302 -25.34 -11.48 33.76
C PRO A 302 -24.93 -10.81 35.07
N GLU A 303 -25.21 -11.43 36.23
CA GLU A 303 -24.94 -10.77 37.54
C GLU A 303 -23.43 -10.75 37.82
N ALA A 304 -22.68 -11.74 37.31
CA ALA A 304 -21.20 -11.73 37.31
C ALA A 304 -20.68 -10.54 36.48
N ILE A 305 -21.23 -10.34 35.28
CA ILE A 305 -20.87 -9.18 34.41
C ILE A 305 -21.17 -7.88 35.17
N GLU A 306 -22.34 -7.80 35.81
CA GLU A 306 -22.78 -6.57 36.51
C GLU A 306 -21.81 -6.31 37.67
N ARG A 307 -21.37 -7.37 38.35
CA ARG A 307 -20.40 -7.24 39.48
C ARG A 307 -19.07 -6.66 38.96
N MET A 308 -18.60 -7.11 37.79
CA MET A 308 -17.35 -6.57 37.16
C MET A 308 -17.54 -5.08 36.86
N LYS A 309 -18.62 -4.71 36.19
CA LYS A 309 -18.90 -3.30 35.83
C LYS A 309 -18.84 -2.41 37.09
N LYS A 310 -19.58 -2.82 38.12
CA LYS A 310 -19.78 -2.02 39.37
C LYS A 310 -18.44 -1.94 40.12
N GLU A 311 -17.85 -3.09 40.43
CA GLU A 311 -16.61 -3.16 41.25
C GLU A 311 -15.48 -2.38 40.56
N LEU A 312 -15.38 -2.46 39.24
CA LEU A 312 -14.26 -1.86 38.55
C LEU A 312 -14.51 -0.52 37.93
N GLY A 313 -15.75 -0.05 37.95
CA GLY A 313 -16.08 1.23 37.35
C GLY A 313 -16.03 1.22 35.84
N LEU A 314 -16.51 0.17 35.22
CA LEU A 314 -16.42 0.03 33.80
C LEU A 314 -17.77 -0.19 33.21
N GLY A 315 -17.89 -0.08 31.91
CA GLY A 315 -19.12 -0.36 31.24
C GLY A 315 -19.06 -1.70 30.55
N TYR A 316 -20.11 -2.10 29.86
CA TYR A 316 -20.03 -3.33 29.09
C TYR A 316 -19.06 -3.05 27.96
N TRP A 317 -19.15 -1.88 27.34
CA TRP A 317 -18.23 -1.41 26.28
C TRP A 317 -17.40 -0.27 26.83
N ASN A 318 -16.09 -0.35 26.62
CA ASN A 318 -15.10 0.61 27.09
C ASN A 318 -14.27 1.09 25.90
N PHE A 319 -14.44 2.36 25.56
CA PHE A 319 -13.80 3.04 24.41
C PHE A 319 -12.51 3.69 24.87
N TYR A 320 -11.41 3.48 24.15
CA TYR A 320 -10.10 4.11 24.42
C TYR A 320 -9.59 4.76 23.15
N GLY A 321 -9.22 6.03 23.27
CA GLY A 321 -8.69 6.86 22.17
C GLY A 321 -7.64 7.79 22.70
N THR A 322 -6.81 8.29 21.79
CA THR A 322 -5.72 9.21 22.13
C THR A 322 -5.85 10.40 21.18
N LEU A 323 -5.57 11.57 21.74
CA LEU A 323 -5.52 12.84 21.00
C LEU A 323 -4.09 13.34 21.04
N TYR A 324 -3.68 13.98 19.96
CA TYR A 324 -2.30 14.50 19.77
C TYR A 324 -2.38 15.98 19.36
N GLY A 325 -1.35 16.75 19.76
CA GLY A 325 -1.13 18.12 19.29
C GLY A 325 -0.91 19.07 20.45
N PRO A 326 -0.95 20.40 20.20
CA PRO A 326 -0.89 21.38 21.28
C PRO A 326 -2.14 21.22 22.15
N PRO A 327 -2.03 21.52 23.47
CA PRO A 327 -3.17 21.38 24.38
C PRO A 327 -4.49 21.99 23.90
N GLN A 328 -4.45 23.05 23.09
CA GLN A 328 -5.67 23.74 22.57
C GLN A 328 -6.39 22.84 21.56
N LEU A 329 -5.64 22.15 20.70
CA LEU A 329 -6.22 21.20 19.73
C LEU A 329 -6.83 20.01 20.51
N ILE A 330 -6.10 19.46 21.49
CA ILE A 330 -6.57 18.30 22.30
C ILE A 330 -7.90 18.67 22.95
N GLU A 331 -7.96 19.80 23.68
CA GLU A 331 -9.18 20.28 24.37
C GLU A 331 -10.34 20.35 23.36
N MET A 332 -10.06 20.90 22.17
CA MET A 332 -11.10 21.17 21.15
C MET A 332 -11.62 19.82 20.64
N ASN A 333 -10.72 18.92 20.25
CA ASN A 333 -11.11 17.58 19.73
C ASN A 333 -11.83 16.78 20.82
N TYR A 334 -11.34 16.80 22.05
CA TYR A 334 -11.97 16.07 23.18
C TYR A 334 -13.39 16.61 23.40
N GLY A 335 -13.56 17.93 23.28
CA GLY A 335 -14.87 18.59 23.31
C GLY A 335 -15.83 18.00 22.28
N ILE A 336 -15.37 17.84 21.04
CA ILE A 336 -16.21 17.26 19.95
C ILE A 336 -16.55 15.81 20.31
N ILE A 337 -15.57 15.03 20.76
CA ILE A 337 -15.74 13.59 21.14
C ILE A 337 -16.78 13.50 22.27
N LYS A 338 -16.61 14.27 23.35
CA LYS A 338 -17.52 14.23 24.52
C LYS A 338 -18.94 14.58 24.06
N ASP A 339 -19.09 15.63 23.25
CA ASP A 339 -20.40 16.05 22.71
C ASP A 339 -21.04 14.90 21.92
N ALA A 340 -20.29 14.24 21.03
CA ALA A 340 -20.81 13.20 20.12
C ALA A 340 -21.20 11.96 20.93
N PHE A 341 -20.29 11.37 21.70
CA PHE A 341 -20.58 10.10 22.43
C PHE A 341 -21.46 10.33 23.66
N GLY A 342 -21.46 11.55 24.23
CA GLY A 342 -22.34 11.99 25.32
C GLY A 342 -23.83 11.91 24.97
N GLN A 343 -24.17 11.82 23.68
CA GLN A 343 -25.55 11.59 23.20
C GLN A 343 -26.06 10.22 23.68
N ILE A 344 -25.14 9.31 24.05
CA ILE A 344 -25.50 7.96 24.54
C ILE A 344 -25.71 8.06 26.05
N PRO A 345 -26.95 7.86 26.55
CA PRO A 345 -27.21 7.87 27.99
C PRO A 345 -26.31 6.87 28.72
N GLY A 346 -25.71 7.29 29.83
CA GLY A 346 -24.92 6.42 30.71
C GLY A 346 -23.44 6.51 30.37
N SER A 347 -23.08 7.20 29.28
CA SER A 347 -21.66 7.36 28.87
C SER A 347 -20.94 8.20 29.90
N ARG A 348 -19.72 7.80 30.29
CA ARG A 348 -18.85 8.52 31.25
C ARG A 348 -17.43 8.60 30.68
N PHE A 349 -16.81 9.77 30.84
CA PHE A 349 -15.53 10.18 30.22
C PHE A 349 -14.49 10.37 31.31
N GLN A 350 -13.34 9.71 31.16
CA GLN A 350 -12.19 9.89 32.08
C GLN A 350 -10.91 9.96 31.23
N THR A 351 -10.04 10.89 31.60
CA THR A 351 -8.72 11.17 31.00
C THR A 351 -7.67 10.32 31.73
N HIS A 352 -6.52 10.06 31.11
CA HIS A 352 -5.37 9.34 31.71
C HIS A 352 -4.82 10.09 32.94
N GLU A 353 -5.07 11.39 33.08
CA GLU A 353 -4.63 12.14 34.30
C GLU A 353 -5.75 12.19 35.36
N GLU A 354 -6.96 11.73 35.05
CA GLU A 354 -8.10 11.77 35.98
C GLU A 354 -8.28 10.43 36.71
N ARG A 355 -7.96 9.31 36.06
CA ARG A 355 -8.34 7.96 36.57
C ARG A 355 -7.09 7.11 36.79
N HIS A 356 -6.93 6.57 38.00
CA HIS A 356 -5.68 5.92 38.46
C HIS A 356 -5.95 4.69 39.31
N ASP A 357 -7.15 4.11 39.22
CA ASP A 357 -7.64 2.99 40.05
C ASP A 357 -7.50 1.67 39.28
N ARG A 358 -7.86 0.55 39.91
CA ARG A 358 -7.79 -0.79 39.31
C ARG A 358 -8.40 -0.74 37.89
N GLY A 359 -9.56 -0.08 37.76
CA GLY A 359 -10.34 0.04 36.52
C GLY A 359 -9.65 0.88 35.47
N ALA A 360 -8.63 1.66 35.83
CA ALA A 360 -7.89 2.55 34.89
C ALA A 360 -6.61 1.86 34.36
N HIS A 361 -6.38 0.59 34.70
CA HIS A 361 -5.14 -0.13 34.28
C HIS A 361 -5.07 -0.17 32.74
N VAL A 362 -6.15 -0.54 32.08
CA VAL A 362 -6.18 -0.60 30.58
C VAL A 362 -6.00 0.82 30.02
N LEU A 363 -6.66 1.82 30.57
CA LEU A 363 -6.51 3.24 30.17
C LEU A 363 -5.03 3.64 30.20
N GLN A 364 -4.32 3.35 31.30
CA GLN A 364 -2.91 3.76 31.43
C GLN A 364 -2.06 2.97 30.44
N ASP A 365 -2.38 1.70 30.20
CA ASP A 365 -1.63 0.88 29.22
C ASP A 365 -1.88 1.43 27.80
N ARG A 366 -3.12 1.73 27.44
CA ARG A 366 -3.43 2.30 26.10
C ARG A 366 -2.66 3.61 25.93
N HIS A 367 -2.51 4.41 26.99
CA HIS A 367 -1.78 5.69 26.93
C HIS A 367 -0.30 5.46 26.55
N LYS A 368 0.30 4.37 27.02
CA LYS A 368 1.67 3.96 26.60
C LYS A 368 1.64 3.54 25.12
N ILE A 369 0.84 2.52 24.82
CA ILE A 369 0.74 1.90 23.47
C ILE A 369 0.45 3.00 22.43
N ASN A 370 -0.53 3.85 22.71
CA ASN A 370 -1.00 4.90 21.76
C ASN A 370 0.05 6.01 21.59
N ASN A 371 1.12 6.00 22.40
CA ASN A 371 2.25 6.96 22.31
C ASN A 371 3.54 6.21 21.94
N GLY A 372 3.43 4.99 21.42
CA GLY A 372 4.58 4.20 20.96
C GLY A 372 5.50 3.85 22.09
N ILE A 373 4.94 3.65 23.28
CA ILE A 373 5.72 3.13 24.44
C ILE A 373 5.30 1.69 24.64
N PRO A 374 6.17 0.73 24.28
CA PRO A 374 5.80 -0.69 24.30
C PRO A 374 5.63 -1.21 25.74
N SER A 375 4.78 -2.22 25.89
CA SER A 375 4.30 -2.74 27.19
C SER A 375 4.11 -4.26 27.09
N LEU A 376 4.14 -4.95 28.24
CA LEU A 376 3.71 -6.36 28.33
C LEU A 376 2.53 -6.50 29.31
N SER A 377 1.84 -5.41 29.66
CA SER A 377 0.70 -5.41 30.62
C SER A 377 -0.40 -6.34 30.14
N GLU A 378 -0.69 -6.39 28.85
CA GLU A 378 -1.77 -7.20 28.31
C GLU A 378 -1.59 -8.69 28.48
N MET A 379 -0.38 -9.13 28.79
CA MET A 379 -0.15 -10.54 29.06
C MET A 379 -0.90 -11.01 30.31
N LYS A 380 -1.30 -10.08 31.17
CA LYS A 380 -2.10 -10.44 32.33
C LYS A 380 -3.45 -10.99 31.95
N LEU A 381 -3.90 -10.76 30.72
CA LEU A 381 -5.12 -11.36 30.25
C LEU A 381 -5.00 -12.87 30.33
N MET A 382 -3.79 -13.38 30.13
CA MET A 382 -3.55 -14.81 30.14
C MET A 382 -3.57 -15.47 31.54
N ASP A 383 -3.88 -14.70 32.57
CA ASP A 383 -4.05 -15.23 33.90
C ASP A 383 -5.54 -15.31 34.27
N TRP A 384 -6.42 -15.08 33.31
CA TRP A 384 -7.87 -15.12 33.57
C TRP A 384 -8.28 -16.47 34.10
N ILE A 385 -7.77 -17.52 33.46
CA ILE A 385 -8.06 -18.88 33.84
C ILE A 385 -6.74 -19.62 33.79
N PRO A 386 -6.66 -20.72 34.55
CA PRO A 386 -5.42 -21.50 34.50
C PRO A 386 -5.16 -22.12 33.14
N GLY A 387 -3.90 -22.03 32.74
CA GLY A 387 -3.42 -22.47 31.45
C GLY A 387 -4.00 -21.75 30.27
N ALA A 388 -4.35 -20.49 30.45
CA ALA A 388 -4.97 -19.74 29.37
C ALA A 388 -4.21 -19.59 28.10
N GLY A 389 -4.89 -19.75 27.01
CA GLY A 389 -4.30 -19.52 25.72
C GLY A 389 -5.35 -18.82 24.89
N HIS A 390 -4.95 -18.16 23.82
CA HIS A 390 -5.98 -17.58 22.94
C HIS A 390 -5.68 -18.00 21.52
N VAL A 391 -6.73 -18.04 20.73
CA VAL A 391 -6.62 -18.10 19.25
C VAL A 391 -7.34 -16.86 18.72
N GLY A 392 -6.72 -16.26 17.70
CA GLY A 392 -7.18 -15.01 17.08
C GLY A 392 -8.35 -15.29 16.14
N PHE A 393 -9.39 -14.51 16.32
CA PHE A 393 -10.54 -14.45 15.39
C PHE A 393 -10.79 -12.95 15.20
N SER A 394 -10.72 -12.45 13.98
CA SER A 394 -10.70 -10.98 13.72
C SER A 394 -11.24 -10.66 12.34
N PRO A 395 -12.50 -11.01 12.05
CA PRO A 395 -13.05 -10.73 10.73
C PRO A 395 -13.28 -9.24 10.53
N ILE A 396 -13.36 -8.88 9.25
CA ILE A 396 -13.50 -7.48 8.79
C ILE A 396 -14.96 -7.29 8.36
N SER A 397 -15.51 -6.18 8.78
CA SER A 397 -16.94 -5.83 8.54
C SER A 397 -17.02 -4.35 8.23
N PRO A 398 -18.15 -3.87 7.65
CA PRO A 398 -18.39 -2.44 7.54
C PRO A 398 -18.50 -1.86 8.95
N PRO A 399 -18.00 -0.62 9.16
CA PRO A 399 -18.06 0.08 10.44
C PRO A 399 -19.44 0.71 10.68
N VAL A 400 -20.41 -0.16 10.82
CA VAL A 400 -21.87 0.16 10.85
C VAL A 400 -22.44 -0.57 12.07
N GLY A 401 -23.16 0.15 12.92
CA GLY A 401 -23.68 -0.37 14.19
C GLY A 401 -24.45 -1.66 14.00
N ARG A 402 -25.25 -1.76 12.95
CA ARG A 402 -26.06 -2.95 12.67
C ARG A 402 -25.12 -4.15 12.45
N ASP A 403 -24.01 -3.96 11.73
CA ASP A 403 -23.01 -5.03 11.51
C ASP A 403 -22.35 -5.40 12.85
N ALA A 404 -22.03 -4.41 13.68
CA ALA A 404 -21.43 -4.65 15.00
C ALA A 404 -22.38 -5.51 15.83
N MET A 405 -23.67 -5.14 15.90
CA MET A 405 -24.63 -5.87 16.77
C MET A 405 -24.76 -7.31 16.28
N LYS A 406 -24.89 -7.52 14.97
CA LYS A 406 -25.03 -8.86 14.37
C LYS A 406 -23.82 -9.71 14.78
N GLN A 407 -22.61 -9.14 14.70
CA GLN A 407 -21.39 -9.93 14.99
C GLN A 407 -21.28 -10.21 16.50
N PHE A 408 -21.49 -9.19 17.31
CA PHE A 408 -21.53 -9.31 18.79
C PHE A 408 -22.43 -10.51 19.16
N ARG A 409 -23.66 -10.54 18.66
CA ARG A 409 -24.65 -11.59 19.01
C ARG A 409 -24.23 -12.96 18.46
N MET A 410 -23.86 -13.05 17.18
CA MET A 410 -23.39 -14.29 16.50
C MET A 410 -22.23 -14.94 17.29
N VAL A 411 -21.22 -14.15 17.59
CA VAL A 411 -19.96 -14.70 18.17
C VAL A 411 -20.23 -15.05 19.65
N ARG A 412 -20.87 -14.16 20.42
CA ARG A 412 -21.13 -14.44 21.85
C ARG A 412 -22.01 -15.69 21.98
N SER A 413 -23.05 -15.85 21.15
CA SER A 413 -23.97 -17.01 21.29
C SER A 413 -23.19 -18.31 21.01
N ARG A 414 -22.30 -18.30 20.02
CA ARG A 414 -21.47 -19.48 19.71
C ARG A 414 -20.46 -19.68 20.85
N ALA A 415 -19.80 -18.63 21.32
CA ALA A 415 -18.83 -18.75 22.43
C ALA A 415 -19.54 -19.42 23.63
N ASP A 416 -20.75 -18.95 23.96
CA ASP A 416 -21.55 -19.48 25.10
C ASP A 416 -21.76 -20.98 24.89
N GLU A 417 -22.21 -21.37 23.70
CA GLU A 417 -22.47 -22.76 23.28
C GLU A 417 -21.20 -23.59 23.49
N TYR A 418 -20.02 -23.06 23.16
CA TYR A 418 -18.73 -23.81 23.15
C TYR A 418 -17.92 -23.55 24.43
N ALA A 419 -18.57 -22.98 25.43
CA ALA A 419 -17.96 -22.80 26.74
C ALA A 419 -16.76 -21.87 26.82
N LYS A 420 -16.77 -20.85 25.99
CA LYS A 420 -15.70 -19.89 25.99
C LYS A 420 -16.28 -18.52 26.29
N ASP A 421 -15.57 -17.78 27.11
CA ASP A 421 -15.99 -16.46 27.49
C ASP A 421 -15.94 -15.50 26.33
N TYR A 422 -16.91 -14.60 26.27
CA TYR A 422 -16.91 -13.59 25.25
C TYR A 422 -16.13 -12.36 25.67
N ALA A 423 -14.90 -12.31 25.28
CA ALA A 423 -13.95 -11.19 25.44
C ALA A 423 -13.63 -10.71 24.02
N ALA A 424 -13.98 -9.48 23.71
CA ALA A 424 -13.82 -8.99 22.33
C ALA A 424 -13.75 -7.47 22.33
N GLN A 425 -13.20 -6.94 21.25
CA GLN A 425 -13.25 -5.50 20.96
C GLN A 425 -13.63 -5.29 19.51
N PHE A 426 -14.23 -4.14 19.23
CA PHE A 426 -14.40 -3.61 17.86
C PHE A 426 -13.38 -2.49 17.67
N VAL A 427 -12.69 -2.53 16.53
CA VAL A 427 -11.60 -1.59 16.17
C VAL A 427 -11.92 -1.05 14.78
N VAL A 428 -11.92 0.26 14.59
CA VAL A 428 -12.09 0.81 13.21
C VAL A 428 -10.74 1.39 12.78
N GLY A 429 -10.19 0.85 11.70
CA GLY A 429 -8.93 1.35 11.12
C GLY A 429 -9.17 2.73 10.54
N LEU A 430 -9.96 2.80 9.48
CA LEU A 430 -10.36 4.04 8.80
C LEU A 430 -11.77 3.89 8.28
N ARG A 431 -11.98 2.97 7.34
CA ARG A 431 -13.29 2.65 6.74
C ARG A 431 -13.70 1.21 7.03
N GLU A 432 -12.90 0.48 7.78
CA GLU A 432 -13.11 -0.97 8.00
C GLU A 432 -13.18 -1.23 9.50
N MET A 433 -13.99 -2.21 9.89
CA MET A 433 -14.15 -2.60 11.31
C MET A 433 -13.58 -4.02 11.51
N HIS A 434 -12.89 -4.22 12.62
CA HIS A 434 -12.38 -5.54 13.05
C HIS A 434 -13.14 -5.93 14.33
N HIS A 435 -13.61 -7.17 14.36
CA HIS A 435 -14.20 -7.78 15.57
C HIS A 435 -13.17 -8.78 16.08
N ILE A 436 -12.34 -8.35 17.03
CA ILE A 436 -11.16 -9.11 17.54
C ILE A 436 -11.61 -9.80 18.82
N ALA A 437 -11.84 -11.10 18.74
CA ALA A 437 -12.38 -11.91 19.85
C ALA A 437 -11.22 -12.71 20.41
N LEU A 438 -10.96 -12.53 21.70
CA LEU A 438 -9.95 -13.32 22.42
C LEU A 438 -10.70 -14.50 23.00
N LEU A 439 -10.58 -15.64 22.31
CA LEU A 439 -11.18 -16.94 22.67
C LEU A 439 -10.21 -17.62 23.65
N LEU A 440 -10.46 -17.45 24.95
CA LEU A 440 -9.54 -17.95 26.00
C LEU A 440 -9.90 -19.40 26.31
N PHE A 441 -8.90 -20.25 26.41
CA PHE A 441 -9.13 -21.69 26.66
C PHE A 441 -8.00 -22.22 27.50
N ASP A 442 -8.26 -23.35 28.14
CA ASP A 442 -7.25 -24.12 28.91
C ASP A 442 -6.41 -24.92 27.91
N THR A 443 -5.16 -24.50 27.69
CA THR A 443 -4.24 -25.13 26.69
C THR A 443 -3.90 -26.55 27.15
N GLN A 444 -4.02 -26.83 28.46
CA GLN A 444 -3.64 -28.12 29.10
C GLN A 444 -4.76 -29.15 28.99
N ASP A 445 -5.91 -28.79 28.40
CA ASP A 445 -7.16 -29.60 28.41
C ASP A 445 -7.50 -29.96 26.98
N ALA A 446 -7.35 -31.24 26.60
CA ALA A 446 -7.55 -31.72 25.21
C ALA A 446 -8.97 -31.34 24.73
N THR A 447 -9.97 -31.48 25.60
CA THR A 447 -11.39 -31.16 25.27
C THR A 447 -11.52 -29.65 25.00
N ALA A 448 -10.94 -28.80 25.85
CA ALA A 448 -10.99 -27.32 25.66
C ALA A 448 -10.29 -26.93 24.35
N ARG A 449 -9.13 -27.52 24.03
CA ARG A 449 -8.45 -27.25 22.72
C ARG A 449 -9.38 -27.66 21.56
N ASN A 450 -10.01 -28.84 21.63
CA ASN A 450 -10.93 -29.35 20.57
C ASN A 450 -12.13 -28.40 20.44
N GLU A 451 -12.70 -27.97 21.57
CA GLU A 451 -13.86 -27.05 21.60
C GLU A 451 -13.47 -25.72 20.95
N THR A 452 -12.26 -25.21 21.21
CA THR A 452 -11.78 -23.91 20.67
C THR A 452 -11.61 -24.05 19.16
N LEU A 453 -11.02 -25.15 18.67
CA LEU A 453 -10.85 -25.36 17.21
C LEU A 453 -12.24 -25.44 16.55
N ALA A 454 -13.15 -26.23 17.12
CA ALA A 454 -14.52 -26.40 16.59
C ALA A 454 -15.22 -25.04 16.57
N LEU A 455 -15.12 -24.28 17.65
CA LEU A 455 -15.76 -22.95 17.76
C LEU A 455 -15.22 -22.05 16.66
N THR A 456 -13.90 -22.01 16.49
CA THR A 456 -13.28 -21.02 15.58
C THR A 456 -13.67 -21.35 14.16
N ARG A 457 -13.68 -22.63 13.77
CA ARG A 457 -14.06 -23.06 12.40
C ARG A 457 -15.50 -22.61 12.14
N LEU A 458 -16.35 -22.77 13.14
CA LEU A 458 -17.78 -22.39 13.02
C LEU A 458 -17.91 -20.85 12.91
N LEU A 459 -17.19 -20.11 13.73
CA LEU A 459 -17.19 -18.62 13.69
C LEU A 459 -16.75 -18.13 12.31
N ILE A 460 -15.68 -18.71 11.75
CA ILE A 460 -15.15 -18.31 10.41
C ILE A 460 -16.22 -18.57 9.35
N ASP A 461 -16.85 -19.74 9.37
CA ASP A 461 -17.85 -20.10 8.34
C ASP A 461 -19.06 -19.17 8.47
N GLU A 462 -19.54 -18.93 9.69
CA GLU A 462 -20.77 -18.10 9.86
C GLU A 462 -20.46 -16.63 9.51
N ALA A 463 -19.29 -16.13 9.88
CA ALA A 463 -18.82 -14.78 9.50
C ALA A 463 -18.75 -14.66 7.97
N ALA A 464 -18.20 -15.66 7.30
CA ALA A 464 -17.98 -15.63 5.83
C ALA A 464 -19.34 -15.61 5.13
N ALA A 465 -20.29 -16.40 5.63
CA ALA A 465 -21.67 -16.42 5.06
C ALA A 465 -22.30 -15.04 5.15
N GLU A 466 -21.96 -14.22 6.17
CA GLU A 466 -22.50 -12.83 6.34
C GLU A 466 -21.67 -11.81 5.57
N GLY A 467 -20.61 -12.24 4.88
CA GLY A 467 -19.79 -11.33 4.07
C GLY A 467 -18.63 -10.76 4.86
N TYR A 468 -18.23 -11.42 5.95
CA TYR A 468 -17.14 -10.93 6.85
C TYR A 468 -15.97 -11.91 6.76
N GLY A 469 -14.90 -11.52 6.08
CA GLY A 469 -13.73 -12.39 5.92
C GLY A 469 -12.73 -12.19 7.03
N GLU A 470 -12.04 -13.27 7.38
CA GLU A 470 -10.95 -13.23 8.37
C GLU A 470 -9.71 -12.60 7.71
N TYR A 471 -8.98 -11.82 8.47
CA TYR A 471 -7.84 -10.97 8.03
C TYR A 471 -6.52 -11.69 8.31
N ARG A 472 -6.52 -12.51 9.35
CA ARG A 472 -5.30 -13.17 9.84
C ARG A 472 -5.71 -14.40 10.63
N THR A 473 -5.00 -15.51 10.51
CA THR A 473 -5.46 -16.72 11.25
C THR A 473 -4.28 -17.59 11.69
N HIS A 474 -4.62 -18.56 12.52
CA HIS A 474 -3.72 -19.61 13.05
C HIS A 474 -3.39 -20.64 11.95
N ASN A 475 -2.19 -21.21 12.02
CA ASN A 475 -1.77 -22.40 11.25
C ASN A 475 -2.97 -23.36 11.00
N ALA A 476 -3.71 -23.71 12.07
CA ALA A 476 -4.71 -24.81 12.05
C ALA A 476 -5.90 -24.39 11.17
N LEU A 477 -6.04 -23.08 10.91
CA LEU A 477 -7.25 -22.51 10.23
C LEU A 477 -6.90 -21.95 8.85
N MET A 478 -5.63 -22.00 8.43
CA MET A 478 -5.18 -21.31 7.20
C MET A 478 -5.86 -21.90 5.98
N ASP A 479 -6.01 -23.23 5.91
CA ASP A 479 -6.63 -23.88 4.73
C ASP A 479 -8.09 -23.43 4.69
N GLN A 480 -8.75 -23.47 5.83
CA GLN A 480 -10.19 -23.09 5.88
C GLN A 480 -10.34 -21.63 5.44
N VAL A 481 -9.55 -20.71 6.04
CA VAL A 481 -9.72 -19.25 5.75
C VAL A 481 -9.43 -18.99 4.27
N MET A 482 -8.34 -19.54 3.70
CA MET A 482 -8.10 -19.31 2.27
C MET A 482 -9.27 -19.88 1.46
N GLY A 483 -9.85 -20.98 1.94
CA GLY A 483 -10.99 -21.66 1.30
C GLY A 483 -12.22 -20.78 1.26
N THR A 484 -12.34 -19.80 2.15
CA THR A 484 -13.52 -18.87 2.13
C THR A 484 -13.36 -17.83 1.02
N TYR A 485 -12.12 -17.54 0.59
CA TYR A 485 -11.82 -16.53 -0.46
C TYR A 485 -11.81 -17.19 -1.84
N ASN A 486 -12.88 -17.93 -2.17
CA ASN A 486 -12.90 -18.82 -3.36
C ASN A 486 -13.77 -18.27 -4.47
N TRP A 487 -13.95 -16.96 -4.60
CA TRP A 487 -14.56 -16.35 -5.80
C TRP A 487 -13.88 -16.90 -7.06
N GLY A 488 -14.62 -17.07 -8.15
CA GLY A 488 -14.09 -17.54 -9.44
C GLY A 488 -13.53 -18.95 -9.31
N ASP A 489 -14.21 -19.81 -8.58
CA ASP A 489 -13.87 -21.24 -8.43
C ASP A 489 -12.43 -21.33 -7.89
N GLY A 490 -12.13 -20.57 -6.83
CA GLY A 490 -10.82 -20.55 -6.15
C GLY A 490 -9.74 -19.84 -6.95
N ALA A 491 -10.07 -18.77 -7.67
CA ALA A 491 -9.16 -18.04 -8.57
C ALA A 491 -8.01 -17.45 -7.76
N LEU A 492 -8.25 -16.94 -6.56
CA LEU A 492 -7.18 -16.26 -5.79
C LEU A 492 -6.13 -17.31 -5.42
N LEU A 493 -6.54 -18.46 -4.92
CA LEU A 493 -5.57 -19.51 -4.50
C LEU A 493 -4.85 -20.08 -5.74
N LYS A 494 -5.52 -20.24 -6.89
CA LYS A 494 -4.86 -20.75 -8.10
C LYS A 494 -3.76 -19.78 -8.55
N PHE A 495 -4.01 -18.48 -8.47
CA PHE A 495 -3.01 -17.42 -8.77
C PHE A 495 -1.83 -17.59 -7.81
N HIS A 496 -2.10 -17.68 -6.50
CA HIS A 496 -1.04 -17.82 -5.47
C HIS A 496 -0.22 -19.08 -5.77
N GLU A 497 -0.88 -20.17 -6.15
CA GLU A 497 -0.20 -21.46 -6.44
C GLU A 497 0.68 -21.29 -7.68
N ALA A 498 0.20 -20.65 -8.73
CA ALA A 498 0.97 -20.42 -9.96
C ALA A 498 2.26 -19.66 -9.60
N ILE A 499 2.13 -18.61 -8.80
CA ILE A 499 3.32 -17.81 -8.40
C ILE A 499 4.23 -18.65 -7.48
N LYS A 500 3.69 -19.31 -6.46
CA LYS A 500 4.47 -20.17 -5.54
C LYS A 500 5.29 -21.21 -6.33
N ASP A 501 4.65 -21.91 -7.26
CA ASP A 501 5.30 -23.02 -8.04
C ASP A 501 6.37 -22.44 -8.96
N ALA A 502 6.20 -21.22 -9.50
CA ALA A 502 7.20 -20.61 -10.40
C ALA A 502 8.44 -20.19 -9.59
N LEU A 503 8.22 -19.50 -8.47
CA LEU A 503 9.31 -18.98 -7.60
C LEU A 503 9.94 -20.11 -6.78
N ASP A 504 9.16 -21.13 -6.45
CA ASP A 504 9.57 -22.17 -5.48
C ASP A 504 9.32 -23.54 -6.09
N PRO A 505 10.00 -23.90 -7.21
CA PRO A 505 9.74 -25.18 -7.89
C PRO A 505 10.02 -26.43 -7.03
N ASN A 506 10.90 -26.35 -6.02
CA ASN A 506 11.22 -27.48 -5.11
C ASN A 506 10.34 -27.41 -3.84
N GLY A 507 9.45 -26.44 -3.72
CA GLY A 507 8.47 -26.38 -2.63
C GLY A 507 9.09 -26.30 -1.26
N ILE A 508 9.94 -25.30 -1.07
CA ILE A 508 10.82 -25.17 0.14
C ILE A 508 10.20 -24.25 1.18
N ILE A 509 9.80 -23.02 0.83
CA ILE A 509 9.52 -21.97 1.87
C ILE A 509 8.11 -22.16 2.45
N ALA A 510 8.04 -22.20 3.78
CA ALA A 510 6.82 -22.24 4.67
C ALA A 510 5.61 -22.81 3.94
N PRO A 511 5.65 -24.09 3.50
CA PRO A 511 4.54 -24.70 2.77
C PRO A 511 3.24 -24.60 3.59
N GLY A 512 2.16 -24.22 2.92
CA GLY A 512 0.82 -24.11 3.51
C GLY A 512 0.55 -22.78 4.21
N LYS A 513 1.53 -21.87 4.28
CA LYS A 513 1.29 -20.52 4.84
C LYS A 513 0.13 -19.90 4.06
N SER A 514 -0.90 -19.39 4.75
CA SER A 514 -2.08 -18.75 4.11
C SER A 514 -2.80 -19.74 3.17
N GLY A 515 -2.67 -21.03 3.43
CA GLY A 515 -3.29 -22.08 2.60
C GLY A 515 -2.63 -22.26 1.23
N VAL A 516 -1.42 -21.70 1.03
CA VAL A 516 -0.74 -21.79 -0.30
C VAL A 516 0.30 -22.89 -0.22
N TRP A 517 0.01 -24.02 -0.86
CA TRP A 517 0.87 -25.22 -0.84
C TRP A 517 1.60 -25.26 -2.16
N PRO A 518 2.93 -25.52 -2.14
CA PRO A 518 3.61 -25.85 -3.38
C PRO A 518 3.12 -27.25 -3.82
N ALA A 519 3.29 -27.52 -5.10
CA ALA A 519 2.83 -28.74 -5.82
C ALA A 519 3.13 -29.99 -5.02
N ARG A 520 4.34 -30.16 -4.49
CA ARG A 520 4.74 -31.47 -3.92
C ARG A 520 3.99 -31.77 -2.62
N TYR A 521 3.36 -30.78 -1.97
CA TYR A 521 2.69 -30.94 -0.66
C TYR A 521 1.17 -30.69 -0.77
N ARG A 522 0.70 -30.27 -1.91
CA ARG A 522 -0.70 -29.80 -2.07
C ARG A 522 -1.59 -31.04 -2.19
N GLY A 523 -2.76 -31.02 -1.56
CA GLY A 523 -3.73 -32.13 -1.57
C GLY A 523 -3.23 -33.39 -0.90
N LYS A 524 -2.28 -33.30 0.04
CA LYS A 524 -1.70 -34.47 0.75
C LYS A 524 -2.23 -34.53 2.19
N GLY A 525 -3.22 -33.71 2.53
CA GLY A 525 -3.78 -33.55 3.89
C GLY A 525 -2.72 -33.17 4.89
N LEU A 526 -1.65 -32.49 4.43
CA LEU A 526 -0.39 -32.12 5.13
C LEU A 526 0.76 -33.11 4.82
N ARG B 3 0.28 -3.60 -44.35
CA ARG B 3 -0.70 -3.95 -43.25
C ARG B 3 0.05 -4.35 -41.98
N THR B 4 -0.09 -3.60 -40.88
CA THR B 4 0.65 -3.84 -39.60
C THR B 4 0.25 -5.22 -39.05
N LEU B 5 1.22 -6.12 -38.88
CA LEU B 5 1.04 -7.46 -38.24
C LEU B 5 1.72 -7.40 -36.88
N PRO B 6 1.16 -8.08 -35.86
CA PRO B 6 1.89 -8.25 -34.61
C PRO B 6 3.18 -9.03 -34.85
N PRO B 7 4.27 -8.70 -34.13
CA PRO B 7 5.49 -9.50 -34.15
C PRO B 7 5.24 -10.97 -33.77
N GLY B 8 5.73 -11.90 -34.60
CA GLY B 8 5.67 -13.35 -34.35
C GLY B 8 4.31 -13.94 -34.64
N VAL B 9 3.44 -13.25 -35.38
CA VAL B 9 2.12 -13.82 -35.78
C VAL B 9 2.02 -13.79 -37.31
N SER B 10 1.68 -14.94 -37.91
CA SER B 10 1.45 -15.07 -39.38
C SER B 10 0.21 -14.26 -39.79
N ASP B 11 0.16 -13.80 -41.05
CA ASP B 11 -1.02 -13.12 -41.62
C ASP B 11 -2.27 -13.98 -41.39
N GLU B 12 -2.14 -15.31 -41.52
CA GLU B 12 -3.25 -16.30 -41.40
C GLU B 12 -3.78 -16.30 -39.95
N ASP B 13 -2.88 -16.43 -38.98
CA ASP B 13 -3.24 -16.43 -37.54
C ASP B 13 -3.86 -15.08 -37.17
N PHE B 14 -3.38 -13.97 -37.73
CA PHE B 14 -3.93 -12.62 -37.44
C PHE B 14 -5.35 -12.52 -37.99
N THR B 15 -5.59 -13.06 -39.19
CA THR B 15 -6.93 -13.07 -39.83
C THR B 15 -7.89 -13.86 -38.95
N SER B 16 -7.48 -15.04 -38.50
CA SER B 16 -8.29 -15.97 -37.68
C SER B 16 -8.66 -15.26 -36.36
N ALA B 17 -7.68 -14.60 -35.74
CA ALA B 17 -7.83 -13.93 -34.44
C ALA B 17 -8.84 -12.79 -34.61
N LEU B 18 -8.69 -11.94 -35.63
CA LEU B 18 -9.60 -10.78 -35.84
C LEU B 18 -11.03 -11.30 -36.01
N THR B 19 -11.23 -12.42 -36.72
CA THR B 19 -12.58 -13.00 -36.94
C THR B 19 -13.15 -13.42 -35.59
N ALA B 20 -12.36 -14.14 -34.79
CA ALA B 20 -12.77 -14.63 -33.45
C ALA B 20 -13.08 -13.42 -32.57
N PHE B 21 -12.26 -12.36 -32.63
CA PHE B 21 -12.48 -11.11 -31.86
C PHE B 21 -13.81 -10.49 -32.29
N ARG B 22 -14.06 -10.35 -33.59
CA ARG B 22 -15.37 -9.81 -34.10
C ARG B 22 -16.52 -10.66 -33.57
N ASP B 23 -16.37 -11.98 -33.56
CA ASP B 23 -17.40 -12.94 -33.09
C ASP B 23 -17.74 -12.67 -31.62
N VAL B 24 -16.80 -12.09 -30.85
CA VAL B 24 -17.00 -11.82 -29.40
C VAL B 24 -17.53 -10.40 -29.21
N VAL B 25 -16.82 -9.37 -29.69
CA VAL B 25 -17.11 -7.96 -29.29
C VAL B 25 -18.07 -7.30 -30.28
N GLY B 26 -18.24 -7.84 -31.47
CA GLY B 26 -19.01 -7.14 -32.52
C GLY B 26 -18.10 -6.48 -33.54
N ASP B 27 -18.54 -6.49 -34.79
CA ASP B 27 -17.81 -5.95 -35.96
C ASP B 27 -17.32 -4.52 -35.68
N GLU B 28 -18.21 -3.69 -35.15
CA GLU B 28 -17.96 -2.25 -34.92
C GLU B 28 -16.78 -2.08 -33.95
N PHE B 29 -16.53 -3.06 -33.09
CA PHE B 29 -15.58 -2.91 -31.94
C PHE B 29 -14.27 -3.65 -32.22
N VAL B 30 -14.05 -4.03 -33.48
CA VAL B 30 -12.71 -4.45 -33.97
C VAL B 30 -12.31 -3.45 -35.06
N ARG B 31 -11.37 -2.59 -34.73
CA ARG B 31 -10.93 -1.55 -35.65
C ARG B 31 -9.58 -1.82 -36.21
N THR B 32 -9.45 -1.74 -37.53
CA THR B 32 -8.19 -2.00 -38.21
C THR B 32 -7.93 -0.98 -39.32
N ASP B 33 -8.84 -0.04 -39.51
CA ASP B 33 -8.67 1.01 -40.51
C ASP B 33 -7.55 1.92 -40.13
N GLU B 34 -6.71 2.27 -41.09
CA GLU B 34 -5.58 3.15 -40.83
C GLU B 34 -5.98 4.43 -40.16
N ALA B 35 -7.11 4.97 -40.56
CA ALA B 35 -7.65 6.23 -39.98
C ALA B 35 -8.04 6.02 -38.50
N GLU B 36 -8.56 4.84 -38.13
CA GLU B 36 -8.95 4.57 -36.73
C GLU B 36 -7.69 4.26 -35.92
N LEU B 37 -6.72 3.55 -36.50
CA LEU B 37 -5.43 3.20 -35.84
C LEU B 37 -4.63 4.49 -35.54
N ALA B 38 -4.64 5.47 -36.46
CA ALA B 38 -3.91 6.76 -36.33
C ALA B 38 -4.36 7.48 -35.07
N ARG B 39 -5.59 7.22 -34.63
CA ARG B 39 -6.17 7.86 -33.45
C ARG B 39 -5.46 7.37 -32.17
N PHE B 40 -4.75 6.23 -32.22
CA PHE B 40 -4.09 5.59 -31.05
C PHE B 40 -2.57 5.80 -31.13
N HIS B 41 -2.14 6.60 -32.10
CA HIS B 41 -0.74 7.09 -32.23
C HIS B 41 -0.37 7.86 -30.97
N ASP B 42 0.83 7.65 -30.47
CA ASP B 42 1.41 8.54 -29.44
C ASP B 42 1.36 9.96 -29.98
N PRO B 43 0.70 10.93 -29.32
CA PRO B 43 0.69 12.30 -29.82
C PRO B 43 2.04 13.00 -29.65
N TYR B 44 2.88 12.52 -28.73
CA TYR B 44 4.16 13.18 -28.36
C TYR B 44 5.29 12.17 -28.55
N PRO B 45 5.46 11.62 -29.78
CA PRO B 45 6.49 10.62 -30.04
C PRO B 45 7.91 11.17 -29.81
N VAL B 46 8.78 10.36 -29.22
CA VAL B 46 10.20 10.73 -28.98
C VAL B 46 11.03 9.80 -29.86
N GLY B 47 12.12 10.29 -30.45
CA GLY B 47 12.81 9.56 -31.52
C GLY B 47 11.84 9.30 -32.67
N ASP B 48 11.74 8.06 -33.16
CA ASP B 48 10.96 7.74 -34.38
C ASP B 48 9.46 7.84 -34.08
N ALA B 49 8.72 8.64 -34.84
CA ALA B 49 7.24 8.79 -34.68
C ALA B 49 6.54 7.45 -34.97
N ASP B 50 7.09 6.64 -35.89
CA ASP B 50 6.47 5.38 -36.41
C ASP B 50 6.72 4.19 -35.46
N ALA B 51 7.55 4.34 -34.42
CA ALA B 51 7.69 3.30 -33.37
C ALA B 51 6.34 3.24 -32.64
N HIS B 52 6.01 2.10 -32.03
CA HIS B 52 4.78 1.95 -31.20
C HIS B 52 3.50 2.16 -32.02
N LEU B 53 3.26 1.30 -33.02
CA LEU B 53 2.00 1.27 -33.81
C LEU B 53 1.11 0.15 -33.26
N ALA B 54 -0.19 0.28 -33.41
CA ALA B 54 -1.18 -0.76 -33.09
C ALA B 54 -1.56 -1.46 -34.40
N SER B 55 -1.77 -2.77 -34.36
CA SER B 55 -2.24 -3.59 -35.52
C SER B 55 -3.77 -3.59 -35.55
N ALA B 56 -4.42 -3.34 -34.41
CA ALA B 56 -5.88 -3.34 -34.28
C ALA B 56 -6.24 -2.79 -32.90
N VAL B 57 -7.50 -2.39 -32.73
CA VAL B 57 -8.06 -1.96 -31.43
C VAL B 57 -9.35 -2.76 -31.22
N ILE B 58 -9.43 -3.44 -30.08
CA ILE B 58 -10.57 -4.30 -29.69
C ILE B 58 -11.24 -3.65 -28.48
N SER B 59 -12.56 -3.48 -28.52
CA SER B 59 -13.31 -2.83 -27.42
C SER B 59 -14.27 -3.83 -26.82
N PRO B 60 -13.86 -4.57 -25.77
CA PRO B 60 -14.74 -5.55 -25.13
C PRO B 60 -15.86 -4.84 -24.35
N ARG B 61 -17.03 -5.45 -24.34
CA ARG B 61 -18.23 -4.87 -23.68
C ARG B 61 -18.12 -5.02 -22.16
N ASP B 62 -17.51 -6.10 -21.67
CA ASP B 62 -17.54 -6.48 -20.23
C ASP B 62 -16.44 -7.49 -19.91
N THR B 63 -16.31 -7.84 -18.62
CA THR B 63 -15.29 -8.81 -18.12
C THR B 63 -15.31 -10.09 -18.96
N GLU B 64 -16.50 -10.65 -19.23
CA GLU B 64 -16.62 -11.95 -19.94
C GLU B 64 -15.97 -11.81 -21.33
N GLN B 65 -16.20 -10.70 -22.02
CA GLN B 65 -15.62 -10.47 -23.37
C GLN B 65 -14.10 -10.28 -23.24
N VAL B 66 -13.63 -9.63 -22.18
CA VAL B 66 -12.15 -9.48 -21.96
C VAL B 66 -11.56 -10.87 -21.85
N GLN B 67 -12.15 -11.76 -21.05
CA GLN B 67 -11.65 -13.14 -20.88
C GLN B 67 -11.61 -13.84 -22.25
N GLU B 68 -12.65 -13.69 -23.06
CA GLU B 68 -12.70 -14.43 -24.34
C GLU B 68 -11.68 -13.81 -25.32
N VAL B 69 -11.50 -12.49 -25.34
CA VAL B 69 -10.47 -11.90 -26.25
C VAL B 69 -9.09 -12.35 -25.77
N VAL B 70 -8.89 -12.47 -24.46
CA VAL B 70 -7.57 -12.94 -23.94
C VAL B 70 -7.35 -14.41 -24.34
N ARG B 71 -8.38 -15.27 -24.23
CA ARG B 71 -8.25 -16.68 -24.66
C ARG B 71 -7.95 -16.75 -26.16
N ILE B 72 -8.55 -15.89 -26.98
CA ILE B 72 -8.33 -15.92 -28.45
C ILE B 72 -6.87 -15.51 -28.69
N ALA B 73 -6.42 -14.44 -28.02
CA ALA B 73 -5.02 -13.97 -28.10
C ALA B 73 -4.07 -15.12 -27.75
N ASN B 74 -4.38 -15.91 -26.74
CA ASN B 74 -3.51 -17.04 -26.29
C ASN B 74 -3.48 -18.09 -27.40
N ARG B 75 -4.62 -18.35 -28.04
CA ARG B 75 -4.70 -19.40 -29.08
C ARG B 75 -3.78 -19.00 -30.24
N TYR B 76 -3.74 -17.72 -30.65
CA TYR B 76 -3.10 -17.28 -31.91
C TYR B 76 -1.79 -16.52 -31.67
N GLY B 77 -1.33 -16.44 -30.41
CA GLY B 77 -0.11 -15.72 -30.02
C GLY B 77 -0.19 -14.23 -30.32
N ILE B 78 -1.37 -13.62 -30.20
CA ILE B 78 -1.56 -12.17 -30.47
C ILE B 78 -1.14 -11.40 -29.22
N PRO B 79 -0.13 -10.53 -29.30
CA PRO B 79 0.25 -9.68 -28.17
C PRO B 79 -0.84 -8.61 -27.98
N LEU B 80 -1.27 -8.39 -26.74
CA LEU B 80 -2.29 -7.34 -26.51
C LEU B 80 -1.84 -6.34 -25.44
N SER B 81 -1.86 -5.09 -25.82
CA SER B 81 -1.59 -3.94 -24.93
C SER B 81 -2.92 -3.51 -24.35
N VAL B 82 -2.89 -2.56 -23.41
CA VAL B 82 -4.10 -2.23 -22.62
C VAL B 82 -4.19 -0.71 -22.43
N ILE B 83 -5.38 -0.16 -22.65
CA ILE B 83 -5.71 1.21 -22.20
C ILE B 83 -7.02 1.18 -21.42
N SER B 84 -7.22 2.18 -20.59
CA SER B 84 -8.52 2.58 -20.03
C SER B 84 -9.07 3.68 -20.94
N THR B 85 -8.60 4.91 -20.79
CA THR B 85 -8.91 6.07 -21.66
C THR B 85 -7.73 6.31 -22.63
N GLY B 86 -6.54 5.77 -22.35
CA GLY B 86 -5.39 5.86 -23.27
C GLY B 86 -4.87 7.28 -23.39
N ARG B 87 -4.98 8.09 -22.34
CA ARG B 87 -4.50 9.49 -22.34
C ARG B 87 -3.15 9.57 -21.61
N ASN B 88 -2.32 8.52 -21.71
CA ASN B 88 -1.02 8.45 -20.98
C ASN B 88 0.02 9.32 -21.70
N ASN B 89 -0.33 10.57 -21.99
CA ASN B 89 0.47 11.53 -22.79
C ASN B 89 1.70 11.91 -21.96
N GLY B 90 2.86 11.86 -22.60
CA GLY B 90 4.17 12.00 -21.93
C GLY B 90 4.80 10.63 -21.72
N TYR B 91 4.02 9.56 -21.80
CA TYR B 91 4.47 8.17 -21.57
C TYR B 91 4.11 7.24 -22.74
N GLY B 92 3.52 7.79 -23.81
CA GLY B 92 3.22 7.01 -25.04
C GLY B 92 1.78 7.12 -25.50
N GLY B 93 0.92 7.76 -24.74
CA GLY B 93 -0.48 7.80 -25.06
C GLY B 93 -1.10 6.43 -25.00
N SER B 94 -1.87 6.08 -26.02
CA SER B 94 -2.49 4.78 -26.08
C SER B 94 -1.64 3.85 -26.91
N ALA B 95 -0.40 4.24 -27.15
CA ALA B 95 0.47 3.44 -27.94
C ALA B 95 1.11 2.19 -27.25
N PRO B 96 1.12 1.00 -27.93
CA PRO B 96 1.70 -0.16 -27.25
C PRO B 96 3.23 -0.10 -27.20
N ARG B 97 3.81 -0.57 -26.09
CA ARG B 97 5.28 -0.70 -26.00
C ARG B 97 5.75 -1.60 -27.15
N LEU B 98 5.08 -2.72 -27.39
CA LEU B 98 5.43 -3.66 -28.48
C LEU B 98 4.74 -3.20 -29.76
N SER B 99 5.50 -2.60 -30.68
CA SER B 99 4.94 -2.13 -31.97
C SER B 99 4.24 -3.28 -32.68
N GLY B 100 3.01 -3.06 -33.16
CA GLY B 100 2.16 -4.07 -33.81
C GLY B 100 1.24 -4.80 -32.84
N ALA B 101 1.31 -4.54 -31.54
CA ALA B 101 0.39 -5.20 -30.57
C ALA B 101 -1.05 -4.84 -30.96
N VAL B 102 -2.00 -5.69 -30.55
CA VAL B 102 -3.45 -5.32 -30.56
C VAL B 102 -3.78 -4.60 -29.25
N VAL B 103 -4.37 -3.41 -29.34
CA VAL B 103 -4.80 -2.59 -28.17
C VAL B 103 -6.13 -3.15 -27.68
N VAL B 104 -6.19 -3.54 -26.42
CA VAL B 104 -7.48 -3.75 -25.70
C VAL B 104 -7.93 -2.40 -25.14
N ASN B 105 -8.97 -1.82 -25.74
CA ASN B 105 -9.62 -0.57 -25.31
C ASN B 105 -10.67 -0.94 -24.26
N THR B 106 -10.31 -0.94 -22.98
CA THR B 106 -11.26 -1.31 -21.91
C THR B 106 -12.26 -0.17 -21.69
N GLY B 107 -11.89 1.08 -21.95
CA GLY B 107 -12.65 2.25 -21.48
C GLY B 107 -13.83 2.59 -22.38
N GLU B 108 -13.79 2.19 -23.63
CA GLU B 108 -14.81 2.64 -24.61
C GLU B 108 -16.18 2.18 -24.11
N ARG B 109 -16.32 0.90 -23.74
CA ARG B 109 -17.63 0.32 -23.38
C ARG B 109 -17.71 -0.02 -21.90
N MET B 110 -16.58 -0.33 -21.24
CA MET B 110 -16.62 -0.58 -19.78
C MET B 110 -16.37 0.74 -19.06
N ASN B 111 -17.41 1.57 -18.94
CA ASN B 111 -17.29 2.99 -18.54
C ASN B 111 -18.31 3.34 -17.47
N ARG B 112 -18.78 2.35 -16.71
CA ARG B 112 -19.83 2.55 -15.70
C ARG B 112 -19.18 2.81 -14.34
N ILE B 113 -19.75 3.75 -13.62
CA ILE B 113 -19.61 3.90 -12.15
C ILE B 113 -20.54 2.86 -11.54
N LEU B 114 -19.96 1.81 -10.98
CA LEU B 114 -20.74 0.61 -10.57
C LEU B 114 -21.40 0.86 -9.22
N GLU B 115 -20.77 1.64 -8.35
CA GLU B 115 -21.28 1.86 -6.99
C GLU B 115 -20.54 3.05 -6.40
N VAL B 116 -21.25 3.91 -5.70
CA VAL B 116 -20.65 4.95 -4.82
C VAL B 116 -21.35 4.83 -3.47
N ASP B 117 -20.61 4.61 -2.40
CA ASP B 117 -21.10 4.67 -1.00
C ASP B 117 -20.68 5.99 -0.39
N GLU B 118 -21.64 6.88 -0.17
CA GLU B 118 -21.36 8.22 0.36
C GLU B 118 -20.85 8.16 1.80
N LYS B 119 -21.49 7.38 2.69
CA LYS B 119 -21.14 7.36 4.13
C LYS B 119 -19.76 6.72 4.31
N LEU B 120 -19.45 5.65 3.58
CA LEU B 120 -18.16 4.92 3.80
C LEU B 120 -17.10 5.46 2.84
N GLY B 121 -17.49 6.36 1.94
CA GLY B 121 -16.60 7.11 1.04
C GLY B 121 -15.80 6.21 0.12
N TYR B 122 -16.44 5.56 -0.85
CA TYR B 122 -15.73 4.82 -1.92
C TYR B 122 -16.58 4.75 -3.17
N ALA B 123 -15.93 4.42 -4.28
CA ALA B 123 -16.57 4.08 -5.57
C ALA B 123 -16.01 2.75 -6.04
N LEU B 124 -16.80 2.04 -6.83
CA LEU B 124 -16.35 0.85 -7.52
C LEU B 124 -16.49 1.30 -8.96
N LEU B 125 -15.44 1.18 -9.75
CA LEU B 125 -15.43 1.72 -11.09
C LEU B 125 -14.93 0.79 -12.16
N GLU B 126 -15.38 1.10 -13.35
CA GLU B 126 -14.85 0.56 -14.55
C GLU B 126 -13.82 1.47 -15.19
N PRO B 127 -12.98 0.90 -16.05
CA PRO B 127 -11.87 1.69 -16.61
C PRO B 127 -12.19 2.97 -17.39
N GLY B 128 -13.32 3.01 -18.03
CA GLY B 128 -13.71 4.20 -18.78
C GLY B 128 -14.21 5.41 -18.02
N VAL B 129 -14.37 5.28 -16.73
CA VAL B 129 -14.80 6.42 -15.94
C VAL B 129 -13.67 7.43 -15.87
N THR B 130 -13.91 8.62 -16.42
CA THR B 130 -12.92 9.70 -16.39
C THR B 130 -13.07 10.44 -15.07
N TYR B 131 -12.11 11.29 -14.73
CA TYR B 131 -12.19 12.15 -13.54
C TYR B 131 -13.40 13.09 -13.72
N PHE B 132 -13.63 13.57 -14.94
CA PHE B 132 -14.84 14.39 -15.24
C PHE B 132 -16.10 13.60 -14.89
N ASP B 133 -16.20 12.37 -15.40
CA ASP B 133 -17.36 11.45 -15.16
C ASP B 133 -17.60 11.32 -13.66
N LEU B 134 -16.56 10.99 -12.88
CA LEU B 134 -16.75 10.73 -11.44
C LEU B 134 -17.12 12.01 -10.70
N HIS B 135 -16.46 13.12 -11.01
CA HIS B 135 -16.76 14.43 -10.41
C HIS B 135 -18.23 14.78 -10.67
N GLU B 136 -18.69 14.63 -11.91
CA GLU B 136 -20.09 14.93 -12.29
C GLU B 136 -21.03 14.06 -11.45
N TYR B 137 -20.76 12.76 -11.37
CA TYR B 137 -21.58 11.80 -10.57
C TYR B 137 -21.63 12.22 -9.10
N LEU B 138 -20.49 12.52 -8.49
CA LEU B 138 -20.47 12.88 -7.06
C LEU B 138 -21.27 14.17 -6.87
N GLU B 139 -21.12 15.15 -7.75
CA GLU B 139 -21.81 16.45 -7.59
C GLU B 139 -23.34 16.24 -7.65
N ALA B 140 -23.81 15.27 -8.44
CA ALA B 140 -25.24 14.98 -8.64
C ALA B 140 -25.78 14.02 -7.57
N HIS B 141 -25.01 13.02 -7.12
CA HIS B 141 -25.54 11.86 -6.34
C HIS B 141 -24.81 11.63 -5.03
N ALA B 142 -23.60 12.14 -4.82
CA ALA B 142 -22.88 11.97 -3.54
C ALA B 142 -22.03 13.18 -3.23
N PRO B 143 -22.68 14.37 -3.06
CA PRO B 143 -21.96 15.64 -3.02
C PRO B 143 -21.09 15.90 -1.78
N SER B 144 -21.13 15.04 -0.77
CA SER B 144 -20.22 15.21 0.40
C SER B 144 -18.82 14.67 0.05
N LEU B 145 -18.66 14.00 -1.07
CA LEU B 145 -17.35 13.39 -1.45
C LEU B 145 -16.68 14.22 -2.55
N MET B 146 -15.38 14.04 -2.74
CA MET B 146 -14.62 14.64 -3.86
C MET B 146 -13.62 13.60 -4.35
N ILE B 147 -13.27 13.71 -5.63
CA ILE B 147 -12.21 12.89 -6.26
C ILE B 147 -10.84 13.48 -5.92
N ASP B 148 -9.80 12.72 -6.26
CA ASP B 148 -8.44 13.26 -6.38
C ASP B 148 -8.03 13.09 -7.86
N CYS B 149 -7.80 14.19 -8.55
CA CYS B 149 -7.49 14.19 -10.00
C CYS B 149 -6.07 14.68 -10.26
N PRO B 150 -5.47 14.16 -11.34
CA PRO B 150 -4.24 14.72 -11.87
C PRO B 150 -4.58 16.07 -12.53
N ASP B 151 -3.59 16.68 -13.18
CA ASP B 151 -3.80 17.97 -13.85
C ASP B 151 -4.90 17.98 -14.88
N LEU B 152 -5.07 16.88 -15.58
CA LEU B 152 -6.04 16.83 -16.64
C LEU B 152 -7.12 15.81 -16.35
N GLY B 153 -8.35 16.24 -16.40
CA GLY B 153 -9.43 15.35 -16.05
C GLY B 153 -9.94 14.31 -17.04
N TRP B 154 -9.39 14.29 -18.23
CA TRP B 154 -9.84 13.35 -19.23
C TRP B 154 -9.24 11.97 -19.05
N GLY B 155 -8.33 11.85 -18.10
CA GLY B 155 -7.73 10.55 -17.77
C GLY B 155 -8.73 9.67 -17.05
N SER B 156 -8.31 8.41 -16.81
CA SER B 156 -9.12 7.33 -16.21
C SER B 156 -8.78 7.29 -14.73
N VAL B 157 -9.80 7.26 -13.87
CA VAL B 157 -9.57 7.05 -12.41
C VAL B 157 -8.81 5.73 -12.24
N VAL B 158 -9.19 4.70 -12.99
CA VAL B 158 -8.55 3.37 -12.99
C VAL B 158 -7.18 3.43 -13.68
N GLY B 159 -7.15 3.83 -14.95
CA GLY B 159 -5.90 3.82 -15.74
C GLY B 159 -4.79 4.59 -15.07
N ASN B 160 -5.08 5.76 -14.55
CA ASN B 160 -4.07 6.62 -13.89
C ASN B 160 -3.52 5.87 -12.67
N ALA B 161 -4.41 5.31 -11.84
CA ALA B 161 -3.99 4.52 -10.65
C ALA B 161 -3.10 3.33 -11.06
N LEU B 162 -3.41 2.66 -12.19
CA LEU B 162 -2.66 1.46 -12.65
C LEU B 162 -1.25 1.83 -13.15
N ASP B 163 -0.99 3.12 -13.40
CA ASP B 163 0.39 3.57 -13.76
C ASP B 163 1.03 4.23 -12.54
N ARG B 164 0.39 4.09 -11.38
CA ARG B 164 0.68 4.82 -10.11
C ARG B 164 0.85 6.32 -10.38
N GLY B 165 -0.11 6.92 -11.10
CA GLY B 165 -0.27 8.37 -11.23
C GLY B 165 -0.73 8.98 -9.91
N ALA B 166 -0.84 10.30 -9.89
CA ALA B 166 -1.03 11.05 -8.63
C ALA B 166 -1.77 12.35 -8.88
N GLY B 167 -2.48 12.79 -7.85
CA GLY B 167 -3.07 14.14 -7.74
C GLY B 167 -2.54 14.84 -6.54
N TYR B 168 -3.30 15.80 -6.00
CA TYR B 168 -2.74 16.89 -5.16
C TYR B 168 -3.59 17.15 -3.92
N THR B 169 -4.70 16.43 -3.74
CA THR B 169 -5.44 16.45 -2.46
C THR B 169 -4.73 15.53 -1.47
N PRO B 170 -5.18 15.43 -0.21
CA PRO B 170 -4.63 14.46 0.73
C PRO B 170 -4.73 13.03 0.20
N TYR B 171 -5.63 12.78 -0.77
CA TYR B 171 -5.78 11.46 -1.43
C TYR B 171 -4.98 11.42 -2.75
N GLY B 172 -3.84 12.12 -2.82
CA GLY B 172 -3.04 12.26 -4.05
C GLY B 172 -2.39 10.96 -4.51
N ASP B 173 -2.07 10.04 -3.60
CA ASP B 173 -1.45 8.76 -3.99
C ASP B 173 -2.54 7.79 -4.45
N HIS B 174 -2.82 7.75 -5.75
CA HIS B 174 -4.02 7.04 -6.31
C HIS B 174 -3.96 5.56 -5.97
N PHE B 175 -2.79 4.94 -6.13
CA PHE B 175 -2.64 3.50 -5.84
C PHE B 175 -2.95 3.24 -4.36
N MET B 176 -2.51 4.10 -3.45
CA MET B 176 -2.72 3.94 -1.98
C MET B 176 -4.22 3.82 -1.75
N TRP B 177 -5.05 4.61 -2.43
CA TRP B 177 -6.50 4.69 -2.15
C TRP B 177 -7.26 3.68 -3.01
N GLN B 178 -6.64 3.10 -4.02
CA GLN B 178 -7.19 1.92 -4.74
C GLN B 178 -7.49 0.82 -3.70
N THR B 179 -8.70 0.27 -3.73
CA THR B 179 -9.17 -0.72 -2.75
C THR B 179 -9.97 -1.80 -3.47
N GLY B 180 -9.37 -2.97 -3.72
CA GLY B 180 -10.04 -4.02 -4.51
C GLY B 180 -9.93 -3.80 -6.00
N MET B 181 -9.74 -4.91 -6.70
CA MET B 181 -9.63 -5.02 -8.17
C MET B 181 -10.33 -6.29 -8.61
N GLU B 182 -10.89 -6.24 -9.81
CA GLU B 182 -11.15 -7.43 -10.63
C GLU B 182 -10.17 -7.40 -11.79
N VAL B 183 -9.50 -8.53 -12.05
CA VAL B 183 -8.44 -8.56 -13.08
C VAL B 183 -8.57 -9.85 -13.88
N VAL B 184 -8.45 -9.73 -15.19
CA VAL B 184 -8.36 -10.91 -16.08
C VAL B 184 -6.87 -11.23 -16.23
N LEU B 185 -6.51 -12.44 -15.80
CA LEU B 185 -5.09 -12.90 -15.81
C LEU B 185 -4.72 -13.32 -17.23
N PRO B 186 -3.41 -13.43 -17.54
CA PRO B 186 -2.98 -13.46 -18.93
C PRO B 186 -3.47 -14.64 -19.80
N GLN B 187 -4.00 -15.70 -19.19
CA GLN B 187 -4.60 -16.86 -19.92
C GLN B 187 -6.12 -16.77 -19.91
N GLY B 188 -6.71 -15.74 -19.31
CA GLY B 188 -8.16 -15.49 -19.40
C GLY B 188 -8.94 -15.80 -18.13
N ASP B 189 -8.30 -16.26 -17.06
CA ASP B 189 -8.94 -16.49 -15.74
C ASP B 189 -9.26 -15.13 -15.13
N VAL B 190 -10.37 -14.99 -14.42
CA VAL B 190 -10.69 -13.72 -13.72
C VAL B 190 -10.53 -13.97 -12.23
N MET B 191 -10.07 -12.94 -11.55
CA MET B 191 -9.82 -13.01 -10.11
C MET B 191 -10.19 -11.67 -9.48
N ARG B 192 -10.75 -11.70 -8.27
CA ARG B 192 -10.92 -10.49 -7.45
C ARG B 192 -9.91 -10.47 -6.31
N THR B 193 -9.37 -9.28 -6.04
CA THR B 193 -8.36 -9.13 -4.96
C THR B 193 -9.04 -8.78 -3.66
N GLY B 194 -8.30 -8.89 -2.56
CA GLY B 194 -8.72 -8.39 -1.25
C GLY B 194 -9.98 -9.11 -0.80
N MET B 195 -10.84 -8.35 -0.13
CA MET B 195 -12.05 -8.91 0.50
C MET B 195 -13.08 -9.28 -0.59
N GLY B 196 -12.84 -8.86 -1.84
CA GLY B 196 -13.67 -9.25 -2.99
C GLY B 196 -13.53 -10.71 -3.36
N ALA B 197 -12.46 -11.40 -2.93
CA ALA B 197 -12.24 -12.84 -3.19
C ALA B 197 -13.24 -13.69 -2.39
N LEU B 198 -13.86 -13.11 -1.38
CA LEU B 198 -14.88 -13.79 -0.55
C LEU B 198 -16.25 -13.53 -1.20
N PRO B 199 -16.90 -14.55 -1.78
CA PRO B 199 -18.22 -14.35 -2.38
C PRO B 199 -19.19 -13.78 -1.34
N GLY B 200 -19.92 -12.74 -1.74
CA GLY B 200 -20.89 -12.02 -0.88
C GLY B 200 -20.25 -11.09 0.14
N SER B 201 -18.93 -10.86 0.12
CA SER B 201 -18.31 -9.91 1.06
C SER B 201 -18.97 -8.54 0.94
N THR B 202 -18.96 -7.79 2.02
CA THR B 202 -19.53 -6.43 2.11
C THR B 202 -18.40 -5.41 2.29
N THR B 203 -17.16 -5.85 2.15
CA THR B 203 -15.98 -5.06 2.57
C THR B 203 -14.96 -4.85 1.44
N TRP B 204 -15.28 -5.19 0.18
CA TRP B 204 -14.30 -5.10 -0.94
C TRP B 204 -13.59 -3.74 -0.97
N GLN B 205 -14.32 -2.64 -0.82
CA GLN B 205 -13.78 -1.27 -0.95
C GLN B 205 -13.41 -0.66 0.41
N LEU B 206 -13.38 -1.40 1.51
CA LEU B 206 -13.05 -0.68 2.76
C LEU B 206 -11.73 -1.12 3.41
N ILE B 207 -11.06 -2.15 2.90
CA ILE B 207 -9.67 -2.47 3.30
C ILE B 207 -8.96 -3.02 2.08
N PRO B 208 -7.71 -2.58 1.77
CA PRO B 208 -7.04 -3.03 0.54
C PRO B 208 -6.59 -4.50 0.52
N TYR B 209 -6.33 -5.14 1.66
CA TYR B 209 -5.41 -6.33 1.73
C TYR B 209 -6.06 -7.70 1.45
N GLY B 210 -7.07 -8.07 2.20
CA GLY B 210 -7.59 -9.46 2.18
C GLY B 210 -6.73 -10.40 3.00
N PHE B 211 -6.75 -11.68 2.65
CA PHE B 211 -6.05 -12.76 3.40
C PHE B 211 -4.95 -13.29 2.50
N GLY B 212 -3.78 -13.54 3.05
CA GLY B 212 -2.69 -14.11 2.25
C GLY B 212 -1.91 -13.03 1.51
N PRO B 213 -1.01 -13.42 0.59
CA PRO B 213 -0.12 -12.44 -0.06
C PRO B 213 -0.96 -11.36 -0.76
N TYR B 214 -0.58 -10.11 -0.59
CA TYR B 214 -1.35 -8.92 -1.06
C TYR B 214 -0.88 -8.62 -2.48
N PRO B 215 -1.71 -8.83 -3.51
CA PRO B 215 -1.21 -8.76 -4.88
C PRO B 215 -1.49 -7.53 -5.73
N ASP B 216 -2.34 -6.59 -5.29
CA ASP B 216 -2.86 -5.50 -6.16
C ASP B 216 -1.71 -4.66 -6.73
N GLY B 217 -0.62 -4.46 -5.97
CA GLY B 217 0.53 -3.68 -6.47
C GLY B 217 1.18 -4.31 -7.70
N MET B 218 1.07 -5.63 -7.86
CA MET B 218 1.70 -6.37 -8.98
C MET B 218 0.97 -6.06 -10.30
N PHE B 219 -0.22 -5.45 -10.25
CA PHE B 219 -1.01 -5.07 -11.45
C PHE B 219 -0.86 -3.57 -11.78
N THR B 220 0.06 -2.86 -11.11
CA THR B 220 0.36 -1.45 -11.36
C THR B 220 1.74 -1.33 -12.05
N GLN B 221 1.84 -0.43 -13.01
CA GLN B 221 2.96 -0.38 -14.01
C GLN B 221 3.32 -1.79 -14.45
N SER B 222 2.34 -2.55 -14.91
CA SER B 222 2.40 -4.02 -14.99
C SER B 222 1.73 -4.53 -16.27
N ASN B 223 2.17 -5.69 -16.71
CA ASN B 223 1.54 -6.45 -17.82
C ASN B 223 1.06 -7.80 -17.31
N LEU B 224 0.69 -7.94 -16.04
CA LEU B 224 0.24 -9.23 -15.47
C LEU B 224 -1.29 -9.40 -15.56
N GLY B 225 -2.01 -8.43 -16.08
CA GLY B 225 -3.44 -8.64 -16.27
C GLY B 225 -4.18 -7.43 -16.76
N ILE B 226 -5.42 -7.65 -17.17
CA ILE B 226 -6.32 -6.55 -17.63
C ILE B 226 -7.35 -6.33 -16.53
N VAL B 227 -7.31 -5.16 -15.91
CA VAL B 227 -8.20 -4.74 -14.80
C VAL B 227 -9.55 -4.34 -15.41
N THR B 228 -10.62 -4.90 -14.86
CA THR B 228 -12.00 -4.72 -15.36
C THR B 228 -12.85 -3.96 -14.34
N LYS B 229 -12.47 -4.00 -13.06
CA LYS B 229 -13.12 -3.21 -12.00
C LYS B 229 -12.03 -2.79 -11.02
N MET B 230 -12.22 -1.64 -10.42
CA MET B 230 -11.30 -1.13 -9.38
C MET B 230 -12.09 -0.25 -8.42
N GLY B 231 -11.90 -0.51 -7.12
CA GLY B 231 -12.42 0.34 -6.06
C GLY B 231 -11.47 1.45 -5.75
N ILE B 232 -11.99 2.58 -5.31
CA ILE B 232 -11.13 3.68 -4.81
C ILE B 232 -11.85 4.40 -3.68
N ALA B 233 -11.15 4.63 -2.59
CA ALA B 233 -11.62 5.45 -1.45
C ALA B 233 -11.73 6.90 -1.92
N LEU B 234 -12.76 7.57 -1.46
CA LEU B 234 -13.08 8.97 -1.79
C LEU B 234 -13.11 9.79 -0.51
N MET B 235 -12.37 10.88 -0.48
CA MET B 235 -12.29 11.82 0.66
C MET B 235 -13.60 12.61 0.77
N GLN B 236 -14.00 12.87 2.01
CA GLN B 236 -15.08 13.83 2.33
C GLN B 236 -14.60 15.24 2.05
N LYS B 237 -15.40 16.03 1.34
CA LYS B 237 -15.13 17.49 1.19
C LYS B 237 -15.03 18.09 2.58
N PRO B 238 -13.96 18.85 2.86
CA PRO B 238 -13.87 19.60 4.10
C PRO B 238 -14.89 20.74 4.07
N PRO B 239 -15.17 21.35 5.23
CA PRO B 239 -16.15 22.43 5.32
C PRO B 239 -15.75 23.68 4.53
N ALA B 240 -14.45 23.90 4.34
CA ALA B 240 -13.91 25.04 3.58
C ALA B 240 -12.50 24.71 3.12
N SER B 241 -12.01 25.45 2.14
CA SER B 241 -10.63 25.30 1.61
C SER B 241 -10.12 26.67 1.18
N MET B 242 -8.82 26.86 1.23
CA MET B 242 -8.17 28.04 0.62
C MET B 242 -6.89 27.54 -0.04
N THR B 243 -6.60 28.04 -1.25
CA THR B 243 -5.36 27.78 -2.01
C THR B 243 -4.53 29.06 -2.05
N TYR B 244 -3.23 28.93 -1.85
CA TYR B 244 -2.31 30.07 -1.79
C TYR B 244 -1.12 29.82 -2.72
N GLN B 245 -0.53 30.91 -3.17
CA GLN B 245 0.68 30.97 -4.02
C GLN B 245 1.77 31.65 -3.22
N ILE B 246 2.94 31.06 -3.13
CA ILE B 246 4.15 31.77 -2.65
C ILE B 246 5.11 31.90 -3.82
N THR B 247 5.45 33.14 -4.21
CA THR B 247 6.47 33.44 -5.24
C THR B 247 7.78 33.63 -4.50
N PHE B 248 8.84 33.05 -5.05
CA PHE B 248 10.23 33.20 -4.57
C PHE B 248 11.06 33.74 -5.73
N GLU B 249 11.87 34.76 -5.43
CA GLU B 249 12.52 35.58 -6.47
C GLU B 249 13.65 34.82 -7.14
N ASN B 250 14.46 34.10 -6.36
CA ASN B 250 15.79 33.63 -6.79
C ASN B 250 15.73 32.15 -7.13
N GLU B 251 16.36 31.75 -8.23
CA GLU B 251 16.49 30.32 -8.58
C GLU B 251 17.20 29.62 -7.40
N SER B 252 18.10 30.30 -6.70
CA SER B 252 18.87 29.71 -5.58
C SER B 252 18.00 29.56 -4.32
N ASP B 253 16.77 30.08 -4.30
CA ASP B 253 15.84 29.93 -3.13
C ASP B 253 15.41 28.47 -2.98
N LEU B 254 15.50 27.68 -4.05
CA LEU B 254 15.03 26.27 -4.08
C LEU B 254 15.55 25.52 -2.86
N GLU B 255 16.83 25.67 -2.52
CA GLU B 255 17.45 24.90 -1.40
C GLU B 255 16.66 25.16 -0.12
N GLN B 256 16.41 26.42 0.22
CA GLN B 256 15.78 26.79 1.50
C GLN B 256 14.29 26.45 1.45
N ILE B 257 13.67 26.55 0.27
CA ILE B 257 12.22 26.25 0.12
C ILE B 257 12.00 24.78 0.45
N VAL B 258 12.86 23.92 -0.06
CA VAL B 258 12.69 22.45 0.11
C VAL B 258 12.94 22.15 1.60
N ASP B 259 13.93 22.79 2.21
CA ASP B 259 14.28 22.49 3.63
C ASP B 259 13.21 23.00 4.59
N ILE B 260 12.46 24.02 4.22
CA ILE B 260 11.30 24.52 5.03
C ILE B 260 10.08 23.63 4.74
N MET B 261 9.90 23.21 3.50
CA MET B 261 8.72 22.42 3.04
C MET B 261 8.66 21.10 3.80
N LEU B 262 9.78 20.38 3.90
CA LEU B 262 9.74 18.98 4.39
C LEU B 262 9.13 18.91 5.79
N PRO B 263 9.65 19.64 6.80
CA PRO B 263 9.13 19.57 8.16
C PRO B 263 7.67 19.98 8.27
N LEU B 264 7.20 20.79 7.34
CA LEU B 264 5.79 21.27 7.32
C LEU B 264 4.87 20.28 6.62
N ARG B 265 5.42 19.32 5.86
CA ARG B 265 4.60 18.34 5.08
C ARG B 265 4.62 16.96 5.74
N ILE B 266 5.72 16.59 6.39
CA ILE B 266 5.99 15.17 6.75
C ILE B 266 4.90 14.66 7.72
N ASN B 267 4.28 15.57 8.50
CA ASN B 267 3.20 15.25 9.46
C ASN B 267 1.85 15.54 8.80
N MET B 268 1.81 15.79 7.48
CA MET B 268 0.59 16.14 6.68
C MET B 268 -0.13 17.40 7.21
N ALA B 269 0.58 18.27 7.91
CA ALA B 269 0.07 19.55 8.42
C ALA B 269 1.29 20.32 8.89
N PRO B 270 1.32 21.66 8.74
CA PRO B 270 0.24 22.43 8.09
C PRO B 270 0.09 22.28 6.57
N LEU B 271 1.09 21.73 5.87
CA LEU B 271 0.97 21.45 4.41
C LEU B 271 0.10 20.20 4.21
N GLN B 272 -1.21 20.43 4.12
CA GLN B 272 -2.27 19.39 4.22
C GLN B 272 -2.44 18.69 2.86
N ASN B 273 -2.27 19.40 1.76
CA ASN B 273 -2.35 18.80 0.41
C ASN B 273 -0.93 18.49 -0.07
N VAL B 274 -0.81 18.06 -1.33
CA VAL B 274 0.52 17.78 -1.94
C VAL B 274 1.08 19.13 -2.37
N PRO B 275 2.19 19.62 -1.76
CA PRO B 275 2.79 20.87 -2.18
C PRO B 275 3.55 20.73 -3.50
N VAL B 276 3.38 21.72 -4.35
CA VAL B 276 4.07 21.76 -5.67
C VAL B 276 4.83 23.08 -5.75
N LEU B 277 6.04 23.01 -6.29
CA LEU B 277 6.93 24.18 -6.48
C LEU B 277 7.28 24.22 -7.96
N ARG B 278 6.61 25.10 -8.70
CA ARG B 278 6.69 25.19 -10.18
C ARG B 278 7.64 26.33 -10.56
N ASN B 279 8.53 26.10 -11.51
CA ASN B 279 9.48 27.14 -11.98
C ASN B 279 8.73 28.12 -12.89
N ILE B 280 9.34 29.27 -13.14
CA ILE B 280 8.71 30.36 -13.94
C ILE B 280 8.18 29.79 -15.27
N ILE B 281 8.93 28.92 -15.92
CA ILE B 281 8.60 28.48 -17.29
C ILE B 281 7.33 27.60 -17.27
N LEU B 282 7.14 26.67 -16.34
CA LEU B 282 5.88 25.87 -16.44
C LEU B 282 4.69 26.69 -15.90
N ASP B 283 4.91 27.75 -15.11
CA ASP B 283 3.83 28.73 -14.81
C ASP B 283 3.57 29.62 -16.01
N ALA B 284 4.60 30.15 -16.66
CA ALA B 284 4.43 31.13 -17.78
C ALA B 284 3.82 30.46 -19.01
N ALA B 285 4.17 29.19 -19.25
CA ALA B 285 3.79 28.40 -20.45
C ALA B 285 2.29 28.10 -20.45
N VAL B 286 1.62 28.17 -19.31
CA VAL B 286 0.13 28.01 -19.22
C VAL B 286 -0.56 29.25 -19.82
N VAL B 287 0.03 30.44 -19.74
CA VAL B 287 -0.67 31.72 -20.03
C VAL B 287 0.03 32.50 -21.15
N SER B 288 1.04 31.94 -21.77
CA SER B 288 1.87 32.67 -22.77
C SER B 288 2.61 31.67 -23.65
N GLN B 289 3.24 32.19 -24.71
CA GLN B 289 4.03 31.42 -25.69
C GLN B 289 5.49 31.85 -25.58
N ARG B 290 6.42 30.96 -25.93
CA ARG B 290 7.88 31.22 -25.80
C ARG B 290 8.24 32.48 -26.60
N ALA B 291 7.67 32.59 -27.81
CA ALA B 291 7.89 33.70 -28.77
C ALA B 291 7.51 35.05 -28.13
N ASP B 292 6.61 35.08 -27.14
CA ASP B 292 6.20 36.32 -26.43
C ASP B 292 7.37 36.92 -25.64
N TRP B 293 8.37 36.12 -25.26
CA TRP B 293 9.45 36.56 -24.33
C TRP B 293 10.81 36.64 -25.04
N TYR B 294 10.96 35.92 -26.15
CA TYR B 294 12.26 35.64 -26.81
C TYR B 294 11.99 34.97 -28.16
N ASP B 295 12.67 35.45 -29.21
CA ASP B 295 12.49 34.94 -30.59
C ASP B 295 13.87 34.68 -31.21
N GLY B 296 14.95 34.83 -30.43
CA GLY B 296 16.32 34.43 -30.80
C GLY B 296 16.49 32.92 -30.67
N ASP B 297 17.63 32.37 -31.11
CA ASP B 297 17.94 30.92 -30.94
C ASP B 297 18.77 30.76 -29.65
N GLY B 298 19.02 29.53 -29.25
CA GLY B 298 19.69 29.19 -27.98
C GLY B 298 18.72 29.24 -26.81
N PRO B 299 19.19 28.96 -25.59
CA PRO B 299 18.32 28.94 -24.41
C PRO B 299 17.69 30.32 -24.14
N LEU B 300 16.61 30.34 -23.36
CA LEU B 300 16.04 31.61 -22.85
C LEU B 300 17.11 32.33 -22.05
N PRO B 301 17.42 33.61 -22.39
CA PRO B 301 18.38 34.38 -21.62
C PRO B 301 17.75 34.80 -20.28
N PRO B 302 18.56 35.05 -19.26
CA PRO B 302 18.06 35.49 -17.95
C PRO B 302 17.07 36.65 -18.01
N GLU B 303 17.24 37.59 -18.95
CA GLU B 303 16.38 38.80 -19.00
C GLU B 303 15.00 38.42 -19.54
N ALA B 304 14.89 37.39 -20.39
CA ALA B 304 13.60 36.80 -20.82
C ALA B 304 12.88 36.22 -19.58
N ILE B 305 13.59 35.48 -18.72
CA ILE B 305 13.01 34.92 -17.46
C ILE B 305 12.52 36.09 -16.60
N GLU B 306 13.35 37.13 -16.45
CA GLU B 306 12.99 38.29 -15.60
C GLU B 306 11.76 38.97 -16.20
N ARG B 307 11.64 39.04 -17.51
CA ARG B 307 10.46 39.66 -18.17
C ARG B 307 9.21 38.84 -17.83
N MET B 308 9.29 37.51 -17.85
CA MET B 308 8.15 36.62 -17.45
C MET B 308 7.76 36.89 -16.00
N LYS B 309 8.71 36.92 -15.10
CA LYS B 309 8.44 37.17 -13.73
C LYS B 309 7.70 38.46 -13.51
N LYS B 310 8.22 39.53 -14.07
CA LYS B 310 7.64 40.83 -13.82
C LYS B 310 6.29 41.05 -14.49
N GLU B 311 6.19 40.71 -15.75
CA GLU B 311 4.93 40.85 -16.44
C GLU B 311 3.82 40.02 -15.83
N LEU B 312 4.15 38.83 -15.36
CA LEU B 312 3.11 37.89 -14.86
C LEU B 312 3.03 37.94 -13.33
N GLY B 313 3.94 38.66 -12.66
CA GLY B 313 3.96 38.79 -11.19
C GLY B 313 4.27 37.44 -10.52
N LEU B 314 5.26 36.74 -11.05
CA LEU B 314 5.63 35.36 -10.66
C LEU B 314 7.07 35.40 -10.15
N GLY B 315 7.44 34.38 -9.36
CA GLY B 315 8.83 34.19 -8.88
C GLY B 315 9.55 33.27 -9.85
N TYR B 316 10.84 32.99 -9.60
CA TYR B 316 11.51 31.91 -10.36
C TYR B 316 10.86 30.58 -9.95
N TRP B 317 10.60 30.46 -8.64
CA TRP B 317 9.88 29.31 -8.02
C TRP B 317 8.53 29.80 -7.49
N ASN B 318 7.48 29.06 -7.82
CA ASN B 318 6.08 29.37 -7.43
C ASN B 318 5.48 28.17 -6.69
N PHE B 319 5.24 28.35 -5.40
CA PHE B 319 4.74 27.32 -4.45
C PHE B 319 3.22 27.41 -4.44
N TYR B 320 2.53 26.29 -4.62
CA TYR B 320 1.04 26.22 -4.50
C TYR B 320 0.69 25.16 -3.48
N GLY B 321 -0.16 25.54 -2.53
CA GLY B 321 -0.69 24.66 -1.49
C GLY B 321 -2.12 24.99 -1.23
N THR B 322 -2.83 24.04 -0.61
CA THR B 322 -4.23 24.22 -0.21
C THR B 322 -4.33 23.84 1.26
N LEU B 323 -5.20 24.56 1.95
CA LEU B 323 -5.54 24.32 3.36
C LEU B 323 -7.02 23.96 3.42
N TYR B 324 -7.35 23.07 4.34
CA TYR B 324 -8.71 22.52 4.54
C TYR B 324 -9.11 22.67 6.00
N GLY B 325 -10.40 22.87 6.25
CA GLY B 325 -11.01 22.80 7.59
C GLY B 325 -11.90 24.01 7.81
N PRO B 326 -12.35 24.27 9.05
CA PRO B 326 -13.07 25.51 9.34
C PRO B 326 -12.12 26.69 9.14
N PRO B 327 -12.63 27.87 8.74
CA PRO B 327 -11.79 29.04 8.53
C PRO B 327 -10.78 29.38 9.64
N GLN B 328 -11.03 29.01 10.89
CA GLN B 328 -10.10 29.28 12.03
C GLN B 328 -8.86 28.40 11.90
N LEU B 329 -9.04 27.14 11.51
CA LEU B 329 -7.91 26.21 11.27
C LEU B 329 -7.11 26.73 10.06
N ILE B 330 -7.79 27.11 8.98
CA ILE B 330 -7.13 27.63 7.73
C ILE B 330 -6.26 28.83 8.11
N GLU B 331 -6.82 29.84 8.78
CA GLU B 331 -6.09 31.06 9.22
C GLU B 331 -4.86 30.66 10.02
N MET B 332 -5.01 29.69 10.93
CA MET B 332 -3.95 29.30 11.88
C MET B 332 -2.83 28.64 11.06
N ASN B 333 -3.17 27.66 10.24
CA ASN B 333 -2.19 26.93 9.39
C ASN B 333 -1.51 27.90 8.42
N TYR B 334 -2.27 28.79 7.77
CA TYR B 334 -1.73 29.80 6.83
C TYR B 334 -0.73 30.70 7.57
N GLY B 335 -1.07 31.08 8.80
CA GLY B 335 -0.17 31.83 9.70
C GLY B 335 1.18 31.14 9.86
N ILE B 336 1.17 29.82 10.15
CA ILE B 336 2.41 29.03 10.34
C ILE B 336 3.19 29.02 9.01
N ILE B 337 2.49 28.78 7.89
CA ILE B 337 3.12 28.69 6.54
C ILE B 337 3.80 30.04 6.22
N LYS B 338 3.08 31.15 6.37
CA LYS B 338 3.60 32.51 6.08
C LYS B 338 4.82 32.78 6.96
N ASP B 339 4.76 32.46 8.24
CA ASP B 339 5.88 32.67 9.18
C ASP B 339 7.11 31.87 8.71
N ALA B 340 6.93 30.60 8.33
CA ALA B 340 8.03 29.68 7.94
C ALA B 340 8.64 30.16 6.61
N PHE B 341 7.86 30.28 5.54
CA PHE B 341 8.42 30.60 4.20
C PHE B 341 8.78 32.10 4.09
N GLY B 342 8.17 32.96 4.90
CA GLY B 342 8.50 34.41 5.04
C GLY B 342 9.93 34.63 5.50
N GLN B 343 10.59 33.62 6.08
CA GLN B 343 12.04 33.67 6.45
C GLN B 343 12.88 33.79 5.18
N ILE B 344 12.33 33.48 4.00
CA ILE B 344 13.05 33.64 2.72
C ILE B 344 12.80 35.06 2.22
N PRO B 345 13.86 35.91 2.16
CA PRO B 345 13.73 37.26 1.60
C PRO B 345 13.14 37.23 0.18
N GLY B 346 12.19 38.10 -0.09
CA GLY B 346 11.57 38.27 -1.42
C GLY B 346 10.34 37.40 -1.57
N SER B 347 10.01 36.57 -0.57
CA SER B 347 8.81 35.68 -0.65
C SER B 347 7.57 36.56 -0.60
N ARG B 348 6.57 36.27 -1.46
CA ARG B 348 5.27 37.00 -1.49
C ARG B 348 4.14 35.97 -1.52
N PHE B 349 3.08 36.24 -0.77
CA PHE B 349 1.94 35.33 -0.48
C PHE B 349 0.67 35.91 -1.09
N GLN B 350 -0.03 35.11 -1.90
CA GLN B 350 -1.35 35.51 -2.46
C GLN B 350 -2.29 34.30 -2.33
N THR B 351 -3.50 34.58 -1.89
CA THR B 351 -4.63 33.65 -1.69
C THR B 351 -5.42 33.58 -2.99
N HIS B 352 -6.20 32.52 -3.21
CA HIS B 352 -7.10 32.38 -4.39
C HIS B 352 -8.19 33.48 -4.40
N GLU B 353 -8.49 34.11 -3.27
CA GLU B 353 -9.45 35.25 -3.26
C GLU B 353 -8.72 36.61 -3.40
N GLU B 354 -7.39 36.64 -3.39
CA GLU B 354 -6.61 37.90 -3.45
C GLU B 354 -6.10 38.18 -4.87
N ARG B 355 -5.97 37.16 -5.72
CA ARG B 355 -5.26 37.29 -7.02
C ARG B 355 -6.07 36.68 -8.16
N HIS B 356 -6.33 37.45 -9.22
CA HIS B 356 -7.30 37.13 -10.30
C HIS B 356 -6.81 37.65 -11.66
N ASP B 357 -5.50 37.86 -11.81
CA ASP B 357 -4.84 38.39 -13.05
C ASP B 357 -4.26 37.21 -13.87
N ARG B 358 -3.69 37.53 -15.03
CA ARG B 358 -3.11 36.55 -15.96
C ARG B 358 -2.19 35.62 -15.15
N GLY B 359 -1.39 36.18 -14.25
CA GLY B 359 -0.40 35.45 -13.42
C GLY B 359 -1.04 34.55 -12.37
N ALA B 360 -2.34 34.72 -12.09
CA ALA B 360 -3.08 33.91 -11.08
C ALA B 360 -3.80 32.73 -11.74
N HIS B 361 -3.60 32.53 -13.04
CA HIS B 361 -4.25 31.44 -13.79
C HIS B 361 -3.91 30.10 -13.13
N VAL B 362 -2.63 29.85 -12.86
CA VAL B 362 -2.20 28.54 -12.30
C VAL B 362 -2.75 28.44 -10.86
N LEU B 363 -2.70 29.52 -10.08
CA LEU B 363 -3.28 29.56 -8.72
C LEU B 363 -4.75 29.12 -8.76
N GLN B 364 -5.56 29.67 -9.67
CA GLN B 364 -7.00 29.36 -9.73
C GLN B 364 -7.19 27.94 -10.22
N ASP B 365 -6.33 27.44 -11.12
CA ASP B 365 -6.40 26.04 -11.58
C ASP B 365 -6.05 25.09 -10.44
N ARG B 366 -5.01 25.41 -9.66
CA ARG B 366 -4.60 24.55 -8.52
C ARG B 366 -5.73 24.52 -7.50
N HIS B 367 -6.45 25.62 -7.33
CA HIS B 367 -7.59 25.72 -6.39
C HIS B 367 -8.69 24.73 -6.79
N LYS B 368 -8.90 24.53 -8.09
CA LYS B 368 -9.85 23.51 -8.60
C LYS B 368 -9.27 22.12 -8.31
N ILE B 369 -8.11 21.84 -8.84
CA ILE B 369 -7.45 20.49 -8.76
C ILE B 369 -7.34 20.08 -7.29
N ASN B 370 -6.88 20.97 -6.41
CA ASN B 370 -6.63 20.68 -4.99
C ASN B 370 -7.97 20.48 -4.24
N ASN B 371 -9.11 20.77 -4.87
CA ASN B 371 -10.47 20.54 -4.33
C ASN B 371 -11.22 19.48 -5.15
N GLY B 372 -10.49 18.68 -5.93
CA GLY B 372 -11.05 17.58 -6.73
C GLY B 372 -12.03 18.09 -7.77
N ILE B 373 -11.77 19.29 -8.31
CA ILE B 373 -12.53 19.81 -9.46
C ILE B 373 -11.63 19.68 -10.67
N PRO B 374 -11.94 18.74 -11.58
CA PRO B 374 -11.06 18.43 -12.70
C PRO B 374 -11.06 19.58 -13.71
N SER B 375 -9.96 19.71 -14.45
CA SER B 375 -9.68 20.84 -15.36
C SER B 375 -8.91 20.35 -16.59
N LEU B 376 -8.99 21.07 -17.70
CA LEU B 376 -8.06 20.87 -18.86
C LEU B 376 -7.23 22.15 -19.09
N SER B 377 -7.17 23.07 -18.14
CA SER B 377 -6.41 24.34 -18.25
C SER B 377 -4.93 24.07 -18.56
N GLU B 378 -4.33 23.03 -17.95
CA GLU B 378 -2.87 22.80 -18.12
C GLU B 378 -2.53 22.39 -19.55
N MET B 379 -3.51 22.01 -20.38
CA MET B 379 -3.25 21.70 -21.81
C MET B 379 -2.75 22.93 -22.57
N LYS B 380 -2.94 24.13 -22.02
CA LYS B 380 -2.46 25.40 -22.64
C LYS B 380 -0.93 25.40 -22.65
N LEU B 381 -0.35 24.60 -21.77
CA LEU B 381 1.10 24.41 -21.70
C LEU B 381 1.60 23.99 -23.08
N MET B 382 0.81 23.20 -23.82
CA MET B 382 1.23 22.59 -25.11
C MET B 382 1.11 23.61 -26.26
N ASP B 383 0.81 24.87 -25.97
CA ASP B 383 0.84 26.00 -26.96
C ASP B 383 2.13 26.82 -26.76
N TRP B 384 3.08 26.32 -25.98
CA TRP B 384 4.32 27.05 -25.66
C TRP B 384 5.09 27.36 -26.95
N ILE B 385 5.22 26.35 -27.79
CA ILE B 385 5.94 26.46 -29.04
C ILE B 385 5.08 25.69 -30.00
N PRO B 386 5.18 25.98 -31.29
CA PRO B 386 4.43 25.18 -32.26
C PRO B 386 4.79 23.70 -32.27
N GLY B 387 3.74 22.90 -32.33
CA GLY B 387 3.81 21.45 -32.34
C GLY B 387 4.27 20.84 -31.03
N ALA B 388 4.13 21.56 -29.96
CA ALA B 388 4.60 21.09 -28.67
C ALA B 388 4.10 19.76 -28.16
N GLY B 389 5.04 18.99 -27.64
CA GLY B 389 4.72 17.73 -27.04
C GLY B 389 5.65 17.64 -25.88
N HIS B 390 5.39 16.72 -24.99
CA HIS B 390 6.28 16.54 -23.90
C HIS B 390 6.56 15.09 -23.55
N VAL B 391 7.70 14.85 -22.91
CA VAL B 391 8.04 13.54 -22.43
C VAL B 391 8.26 13.73 -20.94
N GLY B 392 7.82 12.76 -20.15
CA GLY B 392 7.99 12.84 -18.72
C GLY B 392 9.32 12.39 -18.17
N PHE B 393 9.89 13.19 -17.30
CA PHE B 393 11.11 12.83 -16.62
C PHE B 393 10.76 13.21 -15.20
N SER B 394 10.80 12.23 -14.28
CA SER B 394 10.33 12.47 -12.94
C SER B 394 11.05 11.69 -11.82
N PRO B 395 12.35 11.86 -11.72
CA PRO B 395 13.03 11.06 -10.72
C PRO B 395 12.72 11.34 -9.25
N ILE B 396 12.96 10.37 -8.39
CA ILE B 396 12.71 10.52 -6.97
C ILE B 396 13.99 10.80 -6.20
N SER B 397 13.91 11.69 -5.23
CA SER B 397 15.06 12.08 -4.46
C SER B 397 14.68 12.37 -3.02
N PRO B 398 15.69 12.50 -2.16
CA PRO B 398 15.35 12.95 -0.81
C PRO B 398 14.83 14.38 -0.86
N PRO B 399 13.85 14.73 -0.02
CA PRO B 399 13.30 16.08 0.05
C PRO B 399 14.24 16.97 0.82
N VAL B 400 15.41 17.20 0.26
CA VAL B 400 16.45 17.96 0.91
C VAL B 400 16.92 18.99 -0.11
N GLY B 401 17.09 20.22 0.33
CA GLY B 401 17.49 21.29 -0.56
C GLY B 401 18.71 21.08 -1.41
N ARG B 402 19.74 20.52 -0.83
CA ARG B 402 20.95 20.24 -1.58
C ARG B 402 20.69 19.32 -2.76
N ASP B 403 19.86 18.31 -2.56
CA ASP B 403 19.52 17.39 -3.63
C ASP B 403 18.69 18.07 -4.71
N ALA B 404 17.77 18.91 -4.30
CA ALA B 404 16.98 19.67 -5.26
C ALA B 404 17.84 20.55 -6.12
N MET B 405 18.77 21.25 -5.50
CA MET B 405 19.65 22.15 -6.23
C MET B 405 20.52 21.40 -7.20
N LYS B 406 21.08 20.28 -6.76
CA LYS B 406 21.86 19.45 -7.65
C LYS B 406 21.05 19.06 -8.87
N GLN B 407 19.83 18.61 -8.64
CA GLN B 407 19.00 18.19 -9.73
C GLN B 407 18.60 19.32 -10.66
N PHE B 408 18.20 20.44 -10.10
CA PHE B 408 17.85 21.63 -10.89
C PHE B 408 18.97 21.96 -11.85
N ARG B 409 20.17 22.05 -11.34
CA ARG B 409 21.31 22.39 -12.16
C ARG B 409 21.68 21.34 -13.20
N MET B 410 21.74 20.07 -12.79
CA MET B 410 22.05 18.99 -13.71
C MET B 410 21.11 18.94 -14.88
N VAL B 411 19.81 19.00 -14.58
CA VAL B 411 18.80 18.90 -15.60
C VAL B 411 18.79 20.12 -16.54
N ARG B 412 18.83 21.31 -15.95
CA ARG B 412 18.82 22.52 -16.76
C ARG B 412 20.04 22.60 -17.66
N SER B 413 21.19 22.23 -17.13
CA SER B 413 22.41 22.29 -17.91
C SER B 413 22.32 21.41 -19.14
N ARG B 414 21.81 20.19 -18.96
CA ARG B 414 21.67 19.30 -20.08
C ARG B 414 20.57 19.74 -21.01
N ALA B 415 19.47 20.23 -20.46
CA ALA B 415 18.40 20.72 -21.30
C ALA B 415 18.94 21.82 -22.22
N ASP B 416 19.70 22.76 -21.68
CA ASP B 416 20.32 23.82 -22.49
C ASP B 416 21.17 23.24 -23.60
N GLU B 417 22.01 22.28 -23.26
CA GLU B 417 22.86 21.61 -24.24
C GLU B 417 22.07 20.95 -25.33
N TYR B 418 20.92 20.40 -25.00
CA TYR B 418 20.09 19.69 -25.96
C TYR B 418 18.96 20.55 -26.50
N ALA B 419 19.06 21.86 -26.30
CA ALA B 419 18.09 22.81 -26.83
C ALA B 419 16.65 22.67 -26.39
N LYS B 420 16.44 22.31 -25.14
CA LYS B 420 15.10 22.20 -24.60
C LYS B 420 14.97 23.12 -23.38
N ASP B 421 13.83 23.78 -23.24
CA ASP B 421 13.62 24.63 -22.10
C ASP B 421 13.47 23.85 -20.80
N TYR B 422 13.93 24.44 -19.71
CA TYR B 422 13.75 23.81 -18.42
C TYR B 422 12.46 24.28 -17.83
N ALA B 423 11.49 23.40 -17.85
CA ALA B 423 10.22 23.68 -17.25
C ALA B 423 10.08 22.54 -16.28
N ALA B 424 10.00 22.86 -15.01
CA ALA B 424 9.94 21.82 -14.03
C ALA B 424 9.39 22.20 -12.70
N GLN B 425 9.02 21.18 -11.94
CA GLN B 425 8.54 21.40 -10.63
C GLN B 425 9.08 20.42 -9.63
N PHE B 426 9.13 20.82 -8.37
CA PHE B 426 9.52 19.91 -7.32
C PHE B 426 8.28 19.63 -6.49
N VAL B 427 8.00 18.37 -6.23
CA VAL B 427 6.81 17.97 -5.50
C VAL B 427 7.16 17.06 -4.34
N VAL B 428 6.65 17.36 -3.14
CA VAL B 428 6.86 16.46 -2.02
C VAL B 428 5.59 15.70 -1.62
N GLY B 429 5.64 14.39 -1.77
CA GLY B 429 4.50 13.59 -1.42
C GLY B 429 4.34 13.58 0.07
N LEU B 430 5.30 13.02 0.78
CA LEU B 430 5.31 13.01 2.23
C LEU B 430 6.75 13.05 2.69
N ARG B 431 7.51 12.02 2.34
CA ARG B 431 8.92 11.93 2.71
C ARG B 431 9.80 11.83 1.48
N GLU B 432 9.20 11.91 0.30
CA GLU B 432 9.92 11.80 -0.94
C GLU B 432 9.71 13.00 -1.84
N MET B 433 10.69 13.29 -2.68
CA MET B 433 10.60 14.39 -3.62
C MET B 433 10.62 13.96 -5.06
N HIS B 434 9.82 14.61 -5.88
CA HIS B 434 9.79 14.35 -7.27
C HIS B 434 10.26 15.58 -8.06
N HIS B 435 11.10 15.39 -9.06
CA HIS B 435 11.54 16.47 -9.91
C HIS B 435 10.87 16.17 -11.22
N ILE B 436 9.74 16.81 -11.46
CA ILE B 436 8.98 16.56 -12.65
C ILE B 436 9.29 17.58 -13.72
N ALA B 437 10.09 17.16 -14.69
CA ALA B 437 10.46 18.03 -15.77
C ALA B 437 9.63 17.82 -17.01
N LEU B 438 9.05 18.89 -17.48
CA LEU B 438 8.30 18.80 -18.70
C LEU B 438 9.23 19.24 -19.81
N LEU B 439 9.71 18.27 -20.57
CA LEU B 439 10.64 18.57 -21.64
C LEU B 439 9.83 18.78 -22.90
N LEU B 440 9.60 20.03 -23.24
CA LEU B 440 8.79 20.37 -24.39
C LEU B 440 9.56 20.34 -25.71
N PHE B 441 8.92 19.83 -26.75
CA PHE B 441 9.58 19.70 -28.03
C PHE B 441 8.64 19.79 -29.21
N ASP B 442 9.16 20.11 -30.38
CA ASP B 442 8.34 20.14 -31.62
C ASP B 442 8.17 18.69 -32.09
N THR B 443 6.98 18.14 -31.95
CA THR B 443 6.68 16.72 -32.30
C THR B 443 6.79 16.54 -33.82
N GLN B 444 6.64 17.63 -34.60
CA GLN B 444 6.64 17.61 -36.09
C GLN B 444 8.08 17.67 -36.65
N ASP B 445 9.09 17.73 -35.77
CA ASP B 445 10.51 17.98 -36.14
C ASP B 445 11.34 16.76 -35.74
N ALA B 446 11.81 15.97 -36.72
CA ALA B 446 12.57 14.72 -36.49
C ALA B 446 13.79 15.00 -35.61
N THR B 447 14.48 16.13 -35.83
CA THR B 447 15.70 16.52 -35.08
C THR B 447 15.32 16.76 -33.62
N ALA B 448 14.26 17.51 -33.37
CA ALA B 448 13.77 17.85 -32.01
C ALA B 448 13.36 16.56 -31.28
N ARG B 449 12.64 15.64 -31.94
CA ARG B 449 12.26 14.33 -31.35
C ARG B 449 13.53 13.56 -30.95
N ASN B 450 14.52 13.49 -31.84
CA ASN B 450 15.78 12.75 -31.61
C ASN B 450 16.55 13.36 -30.45
N GLU B 451 16.63 14.69 -30.41
CA GLU B 451 17.33 15.45 -29.34
C GLU B 451 16.63 15.20 -28.00
N THR B 452 15.30 15.14 -27.98
CA THR B 452 14.52 14.95 -26.73
C THR B 452 14.80 13.53 -26.21
N LEU B 453 14.78 12.52 -27.08
CA LEU B 453 15.06 11.13 -26.67
C LEU B 453 16.49 11.05 -26.12
N ALA B 454 17.47 11.62 -26.84
CA ALA B 454 18.90 11.64 -26.43
C ALA B 454 19.03 12.30 -25.06
N LEU B 455 18.39 13.46 -24.89
CA LEU B 455 18.43 14.23 -23.62
C LEU B 455 17.87 13.35 -22.49
N THR B 456 16.72 12.71 -22.71
CA THR B 456 16.02 12.01 -21.61
C THR B 456 16.86 10.80 -21.19
N ARG B 457 17.44 10.07 -22.14
CA ARG B 457 18.33 8.91 -21.82
C ARG B 457 19.51 9.37 -20.97
N LEU B 458 20.06 10.54 -21.31
CA LEU B 458 21.20 11.10 -20.56
C LEU B 458 20.74 11.52 -19.16
N LEU B 459 19.59 12.17 -19.05
CA LEU B 459 19.03 12.64 -17.75
C LEU B 459 18.83 11.43 -16.83
N ILE B 460 18.29 10.33 -17.37
CA ILE B 460 17.99 9.10 -16.59
C ILE B 460 19.33 8.52 -16.06
N ASP B 461 20.33 8.42 -16.91
CA ASP B 461 21.65 7.84 -16.52
C ASP B 461 22.30 8.73 -15.46
N GLU B 462 22.28 10.06 -15.64
CA GLU B 462 22.97 10.97 -14.69
C GLU B 462 22.22 10.99 -13.35
N ALA B 463 20.89 11.00 -13.37
CA ALA B 463 20.04 10.92 -12.17
C ALA B 463 20.38 9.62 -11.41
N ALA B 464 20.47 8.50 -12.14
CA ALA B 464 20.67 7.15 -11.54
C ALA B 464 22.05 7.10 -10.89
N ALA B 465 23.07 7.66 -11.53
CA ALA B 465 24.44 7.76 -10.98
C ALA B 465 24.43 8.53 -9.65
N GLU B 466 23.48 9.45 -9.43
CA GLU B 466 23.37 10.24 -8.16
C GLU B 466 22.42 9.54 -7.17
N GLY B 467 21.86 8.38 -7.52
CA GLY B 467 20.98 7.60 -6.64
C GLY B 467 19.53 8.05 -6.75
N TYR B 468 19.16 8.66 -7.88
CA TYR B 468 17.79 9.18 -8.13
C TYR B 468 17.14 8.37 -9.24
N GLY B 469 16.22 7.48 -8.90
CA GLY B 469 15.59 6.59 -9.88
C GLY B 469 14.32 7.21 -10.46
N GLU B 470 14.02 6.87 -11.70
CA GLU B 470 12.79 7.31 -12.37
C GLU B 470 11.61 6.50 -11.82
N TYR B 471 10.47 7.17 -11.65
CA TYR B 471 9.24 6.62 -11.03
C TYR B 471 8.30 6.05 -12.09
N ARG B 472 8.33 6.64 -13.27
CA ARG B 472 7.33 6.39 -14.33
C ARG B 472 7.95 6.86 -15.64
N THR B 473 7.81 6.12 -16.73
CA THR B 473 8.52 6.55 -17.97
C THR B 473 7.73 6.16 -19.20
N HIS B 474 8.20 6.70 -20.31
CA HIS B 474 7.66 6.47 -21.68
C HIS B 474 8.04 5.07 -22.16
N ASN B 475 7.18 4.48 -22.99
CA ASN B 475 7.49 3.26 -23.79
C ASN B 475 8.96 3.23 -24.21
N ALA B 476 9.48 4.32 -24.78
CA ALA B 476 10.79 4.35 -25.46
C ALA B 476 11.92 4.17 -24.43
N LEU B 477 11.63 4.44 -23.16
CA LEU B 477 12.63 4.51 -22.07
C LEU B 477 12.50 3.35 -21.09
N MET B 478 11.49 2.48 -21.24
CA MET B 478 11.15 1.48 -20.19
C MET B 478 12.32 0.50 -19.97
N ASP B 479 12.97 0.05 -21.05
CA ASP B 479 14.11 -0.88 -20.97
C ASP B 479 15.24 -0.21 -20.19
N GLN B 480 15.56 1.01 -20.53
CA GLN B 480 16.66 1.76 -19.88
C GLN B 480 16.33 1.94 -18.39
N VAL B 481 15.12 2.40 -18.07
CA VAL B 481 14.75 2.69 -16.65
C VAL B 481 14.80 1.40 -15.84
N MET B 482 14.24 0.31 -16.33
CA MET B 482 14.28 -0.97 -15.57
C MET B 482 15.75 -1.36 -15.39
N GLY B 483 16.58 -1.07 -16.41
CA GLY B 483 18.01 -1.41 -16.43
C GLY B 483 18.76 -0.69 -15.31
N THR B 484 18.27 0.47 -14.85
CA THR B 484 18.90 1.23 -13.74
C THR B 484 18.60 0.58 -12.39
N TYR B 485 17.53 -0.22 -12.27
CA TYR B 485 17.11 -0.88 -11.01
C TYR B 485 17.77 -2.26 -10.92
N ASN B 486 19.10 -2.30 -11.05
CA ASN B 486 19.81 -3.56 -11.33
C ASN B 486 20.65 -3.97 -10.13
N TRP B 487 20.27 -3.59 -8.91
CA TRP B 487 20.88 -4.14 -7.67
C TRP B 487 20.95 -5.67 -7.80
N GLY B 488 22.04 -6.28 -7.34
CA GLY B 488 22.16 -7.75 -7.26
C GLY B 488 22.12 -8.38 -8.63
N ASP B 489 22.87 -7.80 -9.57
CA ASP B 489 22.97 -8.32 -10.96
C ASP B 489 21.57 -8.46 -11.54
N GLY B 490 20.73 -7.42 -11.45
CA GLY B 490 19.40 -7.33 -12.08
C GLY B 490 18.38 -8.23 -11.40
N ALA B 491 18.44 -8.38 -10.08
CA ALA B 491 17.59 -9.36 -9.37
C ALA B 491 16.10 -8.99 -9.54
N LEU B 492 15.79 -7.68 -9.54
CA LEU B 492 14.39 -7.22 -9.59
C LEU B 492 13.76 -7.65 -10.90
N LEU B 493 14.44 -7.40 -12.02
CA LEU B 493 13.86 -7.76 -13.35
C LEU B 493 13.76 -9.29 -13.49
N LYS B 494 14.73 -10.06 -12.97
CA LYS B 494 14.68 -11.53 -13.05
C LYS B 494 13.44 -12.03 -12.31
N PHE B 495 13.13 -11.45 -11.15
CA PHE B 495 11.90 -11.78 -10.38
C PHE B 495 10.67 -11.49 -11.23
N HIS B 496 10.58 -10.27 -11.77
CA HIS B 496 9.41 -9.85 -12.61
C HIS B 496 9.29 -10.80 -13.82
N GLU B 497 10.39 -11.20 -14.43
CA GLU B 497 10.37 -12.13 -15.59
C GLU B 497 9.85 -13.50 -15.16
N ALA B 498 10.32 -14.04 -14.03
CA ALA B 498 9.84 -15.34 -13.50
C ALA B 498 8.31 -15.29 -13.32
N ILE B 499 7.80 -14.22 -12.76
CA ILE B 499 6.33 -14.10 -12.51
C ILE B 499 5.61 -13.94 -13.86
N LYS B 500 6.08 -13.06 -14.73
CA LYS B 500 5.51 -12.87 -16.09
C LYS B 500 5.38 -14.22 -16.82
N ASP B 501 6.46 -15.01 -16.84
CA ASP B 501 6.49 -16.28 -17.60
C ASP B 501 5.53 -17.30 -16.95
N ALA B 502 5.36 -17.28 -15.63
CA ALA B 502 4.45 -18.21 -14.92
C ALA B 502 2.99 -17.88 -15.24
N LEU B 503 2.62 -16.61 -15.12
CA LEU B 503 1.23 -16.11 -15.31
C LEU B 503 0.90 -16.04 -16.81
N ASP B 504 1.91 -15.83 -17.65
CA ASP B 504 1.72 -15.48 -19.07
C ASP B 504 2.62 -16.36 -19.93
N PRO B 505 2.44 -17.69 -19.91
CA PRO B 505 3.35 -18.58 -20.62
C PRO B 505 3.36 -18.39 -22.15
N ASN B 506 2.28 -17.86 -22.73
CA ASN B 506 2.18 -17.59 -24.19
C ASN B 506 2.62 -16.15 -24.50
N GLY B 507 3.00 -15.36 -23.49
CA GLY B 507 3.59 -14.02 -23.67
C GLY B 507 2.66 -13.07 -24.40
N ILE B 508 1.45 -12.91 -23.86
CA ILE B 508 0.33 -12.16 -24.52
C ILE B 508 0.24 -10.72 -24.01
N ILE B 509 0.20 -10.46 -22.70
CA ILE B 509 -0.21 -9.13 -22.16
C ILE B 509 0.95 -8.13 -22.23
N ALA B 510 0.69 -6.96 -22.83
CA ALA B 510 1.55 -5.75 -22.94
C ALA B 510 3.03 -6.06 -22.80
N PRO B 511 3.61 -6.87 -23.71
CA PRO B 511 5.01 -7.26 -23.63
C PRO B 511 5.91 -6.02 -23.58
N GLY B 512 6.89 -6.05 -22.69
CA GLY B 512 7.89 -4.97 -22.52
C GLY B 512 7.44 -3.85 -21.61
N LYS B 513 6.21 -3.89 -21.07
CA LYS B 513 5.76 -2.87 -20.11
C LYS B 513 6.76 -2.87 -18.95
N SER B 514 7.28 -1.69 -18.57
CA SER B 514 8.25 -1.53 -17.45
C SER B 514 9.52 -2.37 -17.71
N GLY B 515 9.83 -2.69 -18.96
CA GLY B 515 11.01 -3.51 -19.33
C GLY B 515 10.81 -4.98 -19.03
N VAL B 516 9.58 -5.45 -18.77
CA VAL B 516 9.31 -6.88 -18.47
C VAL B 516 8.82 -7.56 -19.74
N TRP B 517 9.67 -8.40 -20.32
CA TRP B 517 9.38 -9.10 -21.58
C TRP B 517 9.10 -10.53 -21.24
N PRO B 518 8.04 -11.14 -21.80
CA PRO B 518 7.88 -12.59 -21.71
C PRO B 518 8.97 -13.24 -22.57
N ALA B 519 9.30 -14.49 -22.27
CA ALA B 519 10.35 -15.31 -22.89
C ALA B 519 10.35 -15.15 -24.42
N ARG B 520 9.22 -15.25 -25.09
CA ARG B 520 9.22 -15.34 -26.57
C ARG B 520 9.66 -14.00 -27.22
N TYR B 521 9.64 -12.88 -26.48
CA TYR B 521 9.96 -11.53 -27.02
C TYR B 521 11.21 -10.94 -26.37
N ARG B 522 11.78 -11.62 -25.39
CA ARG B 522 12.85 -11.03 -24.55
C ARG B 522 14.17 -11.12 -25.32
N GLY B 523 15.00 -10.08 -25.22
CA GLY B 523 16.34 -10.02 -25.83
C GLY B 523 16.30 -10.01 -27.36
N LYS B 524 15.21 -9.56 -27.97
CA LYS B 524 15.04 -9.50 -29.45
C LYS B 524 15.19 -8.05 -29.94
N GLY B 525 15.54 -7.12 -29.05
CA GLY B 525 15.60 -5.68 -29.35
C GLY B 525 14.29 -5.14 -29.87
N LEU B 526 13.17 -5.80 -29.50
CA LEU B 526 11.76 -5.59 -29.96
C LEU B 526 11.38 -6.58 -31.07
#